data_7KNW
#
_entry.id   7KNW
#
_cell.length_a   61.240
_cell.length_b   86.154
_cell.length_c   82.426
_cell.angle_alpha   82.710
_cell.angle_beta   72.000
_cell.angle_gamma   65.420
#
_symmetry.space_group_name_H-M   'P 1'
#
loop_
_entity.id
_entity.type
_entity.pdbx_description
1 polymer 'Staphylococcal nuclease domain-containing protein 1'
2 non-polymer GLYCEROL
3 non-polymer 5-chloro-2-methoxy-N-([1,2,4]triazolo[1,5-a]pyridin-8-yl)benzene-1-sulfonamide
4 water water
#
_entity_poly.entity_id   1
_entity_poly.type   'polypeptide(L)'
_entity_poly.pdbx_seq_one_letter_code
;MGSSHHHHHHSSGENLYFQGVPTVQRGIIKMVLSGCAIIVRGQPRGGPPPERQINLSNIRAGNLARRAAKDTPDEPWAFP
AREFLRKKLIGKEVCFTIENKTPQGREYGMIYLGKDTNGENIAESLVAEGLATRREGMRANNPEQNRLSECEEQAKAAKK
GMWSEGNGSHTIRDLKYTIENPRHFVDSHHQKPVNAIIEHVRDGSVVRALLLPDYYLVTVMLSGIKCPTFRRETPEPFAA
EAKFFTESRLLQRDVQIILESCHNQNILGTILHPNGNITELLLKEGFARCVDWSIAVYTRGAEKLRAAERFAKERRLRIW
RDYV
;
_entity_poly.pdbx_strand_id   A,B,C,D
#
# COMPACT_ATOMS: atom_id res chain seq x y z
N PRO A 22 -3.62 -18.73 20.53
CA PRO A 22 -3.60 -17.74 19.45
C PRO A 22 -2.62 -18.09 18.34
N THR A 23 -3.10 -18.18 17.10
CA THR A 23 -2.25 -18.40 15.91
C THR A 23 -1.40 -17.14 15.64
N VAL A 24 -0.19 -17.11 16.22
CA VAL A 24 0.68 -15.91 16.16
C VAL A 24 1.23 -15.68 14.73
N GLN A 25 1.30 -14.42 14.31
CA GLN A 25 1.74 -14.04 12.96
C GLN A 25 2.68 -12.84 13.02
N ARG A 26 3.54 -12.70 12.02
CA ARG A 26 4.47 -11.56 11.95
C ARG A 26 4.02 -10.52 10.92
N GLY A 27 4.58 -9.31 11.01
CA GLY A 27 4.24 -8.25 10.06
C GLY A 27 4.99 -6.94 10.26
N ILE A 28 4.74 -5.98 9.37
CA ILE A 28 5.29 -4.63 9.49
C ILE A 28 4.15 -3.61 9.49
N ILE A 29 4.28 -2.63 10.36
CA ILE A 29 3.24 -1.64 10.59
C ILE A 29 3.20 -0.78 9.34
N LYS A 30 2.07 -0.80 8.64
CA LYS A 30 1.84 0.08 7.48
C LYS A 30 1.37 1.42 7.96
N MET A 31 0.35 1.42 8.82
CA MET A 31 -0.18 2.65 9.38
C MET A 31 -1.10 2.42 10.56
N VAL A 32 -1.31 3.51 11.30
CA VAL A 32 -2.25 3.58 12.40
C VAL A 32 -3.47 4.39 11.92
N LEU A 33 -4.67 3.79 12.02
CA LEU A 33 -5.91 4.42 11.53
C LEU A 33 -6.70 5.18 12.61
N SER A 34 -7.84 5.73 12.20
CA SER A 34 -8.84 6.28 13.12
C SER A 34 -9.39 5.19 14.04
N GLY A 35 -9.41 5.50 15.34
CA GLY A 35 -9.80 4.55 16.38
C GLY A 35 -8.66 3.62 16.74
N CYS A 36 -7.44 4.02 16.35
CA CYS A 36 -6.24 3.19 16.50
C CYS A 36 -6.35 1.72 16.05
N ALA A 37 -7.18 1.48 15.05
CA ALA A 37 -7.07 0.27 14.25
C ALA A 37 -5.76 0.36 13.45
N ILE A 38 -5.13 -0.79 13.24
CA ILE A 38 -3.78 -0.86 12.72
C ILE A 38 -3.82 -1.57 11.38
N ILE A 39 -3.02 -1.09 10.42
CA ILE A 39 -2.82 -1.82 9.16
C ILE A 39 -1.41 -2.41 9.17
N VAL A 40 -1.33 -3.72 8.95
CA VAL A 40 -0.09 -4.49 9.08
C VAL A 40 0.13 -5.15 7.74
N ARG A 41 1.34 -5.07 7.20
CA ARG A 41 1.62 -5.65 5.87
C ARG A 41 2.80 -6.62 5.87
N GLY A 42 2.72 -7.62 5.01
CA GLY A 42 3.82 -8.55 4.82
C GLY A 42 4.91 -8.00 3.91
N GLN A 43 5.85 -8.88 3.56
CA GLN A 43 6.92 -8.57 2.59
C GLN A 43 6.35 -8.87 1.20
N PRO A 44 6.65 -8.02 0.20
CA PRO A 44 6.09 -8.23 -1.14
C PRO A 44 6.71 -9.44 -1.85
N ARG A 45 5.87 -10.38 -2.31
CA ARG A 45 6.31 -11.59 -3.02
C ARG A 45 5.35 -11.89 -4.18
N GLY A 46 5.71 -11.42 -5.37
CA GLY A 46 4.87 -11.55 -6.57
C GLY A 46 4.15 -10.27 -6.98
N GLY A 47 3.99 -9.31 -6.06
CA GLY A 47 3.27 -8.07 -6.32
C GLY A 47 3.25 -7.13 -5.11
N PRO A 48 2.20 -6.27 -4.98
CA PRO A 48 2.10 -5.40 -3.80
C PRO A 48 1.89 -6.22 -2.53
N PRO A 49 2.55 -5.85 -1.40
CA PRO A 49 2.44 -6.72 -0.23
C PRO A 49 1.01 -6.82 0.26
N PRO A 50 0.63 -7.97 0.85
CA PRO A 50 -0.74 -8.11 1.40
C PRO A 50 -0.91 -7.41 2.77
N GLU A 51 -2.09 -6.83 3.00
CA GLU A 51 -2.37 -6.00 4.18
C GLU A 51 -3.49 -6.58 5.05
N ARG A 52 -3.37 -6.40 6.36
CA ARG A 52 -4.37 -6.83 7.34
C ARG A 52 -4.76 -5.67 8.25
N GLN A 53 -6.07 -5.41 8.35
CA GLN A 53 -6.56 -4.40 9.30
C GLN A 53 -6.95 -5.13 10.58
N ILE A 54 -6.19 -4.88 11.64
CA ILE A 54 -6.46 -5.40 12.97
C ILE A 54 -7.01 -4.26 13.85
N ASN A 55 -8.17 -4.49 14.46
CA ASN A 55 -8.72 -3.56 15.45
C ASN A 55 -8.34 -4.00 16.86
N LEU A 56 -7.80 -3.10 17.66
CA LEU A 56 -7.26 -3.47 18.97
C LEU A 56 -8.38 -3.90 19.89
N SER A 57 -8.23 -5.09 20.48
CA SER A 57 -9.37 -5.91 20.91
C SER A 57 -10.20 -5.41 22.09
N ASN A 58 -9.57 -5.14 23.22
CA ASN A 58 -10.35 -4.85 24.42
C ASN A 58 -10.59 -3.37 24.68
N ILE A 59 -10.22 -2.52 23.72
CA ILE A 59 -10.02 -1.10 23.98
C ILE A 59 -10.74 -0.15 23.01
N ARG A 60 -11.00 1.07 23.48
CA ARG A 60 -11.67 2.13 22.74
C ARG A 60 -10.75 3.35 22.70
N ALA A 61 -10.54 3.88 21.49
CA ALA A 61 -9.83 5.15 21.31
C ALA A 61 -10.68 6.10 20.49
N GLY A 62 -10.37 7.39 20.59
CA GLY A 62 -11.12 8.39 19.83
C GLY A 62 -11.05 8.23 18.32
N ASN A 63 -12.19 8.45 17.65
CA ASN A 63 -12.26 8.57 16.19
C ASN A 63 -11.65 9.92 15.74
N LEU A 64 -10.81 9.88 14.70
CA LEU A 64 -10.22 11.11 14.15
C LEU A 64 -11.26 11.91 13.36
N ALA A 65 -10.87 13.12 13.00
CA ALA A 65 -11.65 13.95 12.08
C ALA A 65 -11.93 13.20 10.76
N ARG A 66 -13.11 13.42 10.22
CA ARG A 66 -13.55 12.79 8.98
C ARG A 66 -14.52 13.74 8.32
N ARG A 67 -15.05 13.34 7.17
CA ARG A 67 -16.02 14.16 6.47
C ARG A 67 -16.79 13.36 5.43
N ALA A 68 -18.04 13.75 5.21
CA ALA A 68 -18.93 13.11 4.23
C ALA A 68 -20.06 14.08 3.87
N ALA A 69 -21.23 13.98 4.53
CA ALA A 69 -22.33 14.97 4.36
C ALA A 69 -21.88 16.31 4.93
N LYS A 70 -21.28 16.25 6.13
CA LYS A 70 -20.60 17.39 6.78
C LYS A 70 -19.24 17.01 7.33
N ASP A 71 -18.47 18.04 7.70
CA ASP A 71 -17.22 17.88 8.44
C ASP A 71 -17.56 17.53 9.88
N THR A 72 -16.98 16.44 10.39
CA THR A 72 -17.07 16.12 11.82
C THR A 72 -15.63 16.21 12.38
N PRO A 73 -15.48 16.74 13.59
CA PRO A 73 -14.12 17.03 14.07
C PRO A 73 -13.56 15.84 14.81
N ASP A 74 -12.28 15.94 15.22
CA ASP A 74 -11.69 14.93 16.11
C ASP A 74 -12.53 14.82 17.36
N GLU A 75 -12.66 13.59 17.87
CA GLU A 75 -13.09 13.40 19.24
C GLU A 75 -11.91 13.84 20.11
N PRO A 76 -12.18 14.17 21.40
CA PRO A 76 -11.07 14.47 22.30
C PRO A 76 -10.17 13.25 22.55
N TRP A 77 -8.86 13.47 22.53
CA TRP A 77 -7.84 12.43 22.69
C TRP A 77 -7.70 11.43 21.53
N ALA A 78 -8.39 11.67 20.40
CA ALA A 78 -8.34 10.80 19.23
C ALA A 78 -6.99 10.98 18.58
N PHE A 79 -6.62 12.23 18.32
CA PHE A 79 -5.38 12.54 17.62
C PHE A 79 -4.11 12.26 18.46
N PRO A 80 -4.06 12.68 19.74
CA PRO A 80 -2.90 12.29 20.59
C PRO A 80 -2.64 10.78 20.71
N ALA A 81 -3.71 9.99 20.70
CA ALA A 81 -3.61 8.52 20.63
C ALA A 81 -2.99 8.04 19.33
N ARG A 82 -3.44 8.62 18.21
CA ARG A 82 -2.91 8.24 16.89
C ARG A 82 -1.43 8.48 16.90
N GLU A 83 -1.06 9.69 17.28
CA GLU A 83 0.34 10.12 17.27
C GLU A 83 1.24 9.23 18.13
N PHE A 84 0.77 8.91 19.32
CA PHE A 84 1.49 8.04 20.22
C PHE A 84 1.88 6.74 19.50
N LEU A 85 0.89 6.07 18.93
CA LEU A 85 1.14 4.78 18.27
C LEU A 85 1.85 4.93 16.95
N ARG A 86 1.52 5.95 16.17
CA ARG A 86 2.27 6.23 14.95
C ARG A 86 3.76 6.39 15.29
N LYS A 87 4.11 7.30 16.18
CA LYS A 87 5.53 7.56 16.48
C LYS A 87 6.30 6.35 17.04
N LYS A 88 5.60 5.44 17.71
CA LYS A 88 6.18 4.19 18.21
C LYS A 88 6.31 3.08 17.17
N LEU A 89 5.43 3.05 16.18
CA LEU A 89 5.21 1.85 15.39
C LEU A 89 5.53 1.88 13.91
N ILE A 90 5.49 3.04 13.26
CA ILE A 90 5.53 3.07 11.80
C ILE A 90 6.82 2.43 11.29
N GLY A 91 6.66 1.32 10.58
CA GLY A 91 7.80 0.58 10.04
C GLY A 91 8.57 -0.30 11.00
N LYS A 92 8.00 -0.60 12.16
CA LYS A 92 8.57 -1.60 13.07
C LYS A 92 8.06 -2.97 12.63
N GLU A 93 8.80 -4.00 13.00
CA GLU A 93 8.36 -5.36 12.83
C GLU A 93 7.54 -5.64 14.08
N VAL A 94 6.31 -6.12 13.90
CA VAL A 94 5.45 -6.51 15.03
C VAL A 94 5.02 -7.97 14.88
N CYS A 95 4.34 -8.47 15.92
CA CYS A 95 3.60 -9.73 15.81
C CYS A 95 2.20 -9.57 16.41
N PHE A 96 1.27 -10.39 15.93
CA PHE A 96 -0.16 -10.19 16.21
C PHE A 96 -1.00 -11.47 16.19
N THR A 97 -2.05 -11.45 17.01
CA THR A 97 -2.97 -12.56 17.16
C THR A 97 -4.37 -12.05 16.81
N ILE A 98 -5.22 -12.97 16.33
CA ILE A 98 -6.59 -12.65 15.91
C ILE A 98 -7.59 -13.23 16.91
N GLU A 99 -7.96 -12.43 17.92
CA GLU A 99 -8.83 -12.91 18.99
C GLU A 99 -10.25 -13.28 18.49
N ASN A 100 -10.72 -12.66 17.40
CA ASN A 100 -12.05 -12.97 16.85
C ASN A 100 -12.18 -12.38 15.44
N LYS A 101 -13.20 -12.82 14.70
CA LYS A 101 -13.53 -12.24 13.39
C LYS A 101 -15.06 -12.02 13.26
N THR A 102 -15.46 -10.76 13.14
CA THR A 102 -16.88 -10.37 13.12
C THR A 102 -17.45 -10.39 11.71
N PRO A 103 -18.79 -10.57 11.57
CA PRO A 103 -19.43 -10.53 10.25
C PRO A 103 -19.67 -9.09 9.76
N GLY A 105 -16.19 -7.83 7.37
CA GLY A 105 -15.03 -8.74 7.43
C GLY A 105 -13.91 -8.26 8.34
N ARG A 106 -14.29 -7.70 9.48
CA ARG A 106 -13.35 -7.07 10.40
C ARG A 106 -12.71 -8.10 11.32
N GLU A 107 -11.44 -7.89 11.62
CA GLU A 107 -10.66 -8.77 12.50
C GLU A 107 -10.27 -8.01 13.77
N TYR A 108 -10.46 -8.66 14.92
CA TYR A 108 -10.09 -8.10 16.23
C TYR A 108 -8.91 -8.87 16.80
N GLY A 109 -7.98 -8.15 17.44
CA GLY A 109 -6.76 -8.76 17.95
C GLY A 109 -5.83 -7.93 18.79
N MET A 110 -4.66 -8.52 19.06
CA MET A 110 -3.60 -7.88 19.82
C MET A 110 -2.41 -7.78 18.91
N ILE A 111 -1.56 -6.78 19.17
CA ILE A 111 -0.34 -6.51 18.41
C ILE A 111 0.78 -6.26 19.44
N TYR A 112 1.94 -6.88 19.27
CA TYR A 112 3.04 -6.72 20.23
C TYR A 112 4.28 -6.19 19.54
N LEU A 113 4.85 -5.10 20.06
CA LEU A 113 6.06 -4.55 19.47
C LEU A 113 7.20 -5.55 19.70
N GLY A 114 7.69 -6.14 18.61
CA GLY A 114 8.76 -7.15 18.68
C GLY A 114 8.36 -8.48 18.07
N LYS A 115 9.34 -9.38 17.94
CA LYS A 115 9.16 -10.68 17.27
C LYS A 115 8.35 -11.73 18.04
N ASP A 116 8.21 -11.57 19.35
CA ASP A 116 7.49 -12.55 20.19
C ASP A 116 6.36 -11.93 20.99
N THR A 117 5.44 -12.77 21.44
CA THR A 117 4.18 -12.36 22.05
C THR A 117 4.24 -11.98 23.54
N ASN A 118 5.41 -12.11 24.17
CA ASN A 118 5.59 -11.61 25.55
C ASN A 118 6.11 -10.17 25.61
N GLY A 119 6.36 -9.55 24.45
CA GLY A 119 6.77 -8.14 24.38
C GLY A 119 5.67 -7.10 24.64
N GLU A 120 5.98 -5.84 24.33
CA GLU A 120 5.08 -4.72 24.61
C GLU A 120 3.76 -4.85 23.85
N ASN A 121 2.69 -5.12 24.62
CA ASN A 121 1.32 -5.09 24.11
C ASN A 121 0.92 -3.62 23.93
N ILE A 122 0.58 -3.26 22.68
CA ILE A 122 0.42 -1.87 22.31
C ILE A 122 -0.85 -1.28 22.95
N ALA A 123 -1.90 -2.09 23.07
CA ALA A 123 -3.12 -1.65 23.75
C ALA A 123 -2.86 -1.30 25.22
N GLU A 124 -1.95 -2.04 25.85
CA GLU A 124 -1.56 -1.78 27.24
C GLU A 124 -0.79 -0.49 27.34
N SER A 125 0.15 -0.28 26.42
CA SER A 125 0.80 1.03 26.29
C SER A 125 -0.20 2.15 26.01
N LEU A 126 -1.21 1.90 25.16
CA LEU A 126 -2.25 2.91 24.85
C LEU A 126 -3.04 3.33 26.07
N VAL A 127 -3.62 2.34 26.72
CA VAL A 127 -4.46 2.56 27.86
C VAL A 127 -3.66 3.20 29.01
N ALA A 128 -2.37 2.87 29.12
CA ALA A 128 -1.52 3.38 30.19
C ALA A 128 -1.24 4.89 30.12
N GLU A 129 -1.25 5.45 28.91
CA GLU A 129 -1.08 6.91 28.74
C GLU A 129 -2.39 7.68 28.91
N GLY A 130 -3.49 6.98 29.17
CA GLY A 130 -4.80 7.60 29.25
C GLY A 130 -5.37 7.95 27.88
N LEU A 131 -4.88 7.25 26.85
CA LEU A 131 -5.28 7.51 25.49
C LEU A 131 -6.28 6.47 24.99
N ALA A 132 -6.57 5.47 25.81
CA ALA A 132 -7.65 4.55 25.51
C ALA A 132 -8.25 3.98 26.78
N THR A 133 -9.48 3.49 26.68
CA THR A 133 -10.15 2.81 27.78
C THR A 133 -10.78 1.50 27.31
N ARG A 134 -11.05 0.60 28.27
CA ARG A 134 -11.69 -0.68 27.95
C ARG A 134 -13.14 -0.47 27.61
N ARG A 135 -13.71 -1.42 26.88
CA ARG A 135 -15.12 -1.34 26.49
C ARG A 135 -16.01 -1.76 27.65
N GLU A 136 -17.33 -1.60 27.48
CA GLU A 136 -18.29 -2.08 28.48
C GLU A 136 -18.41 -3.61 28.41
N ASN A 141 -13.26 -12.09 33.91
CA ASN A 141 -11.88 -11.69 33.64
C ASN A 141 -10.75 -12.81 33.50
N ASN A 142 -9.58 -12.29 33.19
CA ASN A 142 -8.42 -13.11 32.76
C ASN A 142 -7.11 -12.31 32.98
N PRO A 143 -5.93 -12.96 32.93
CA PRO A 143 -4.67 -12.24 33.12
C PRO A 143 -4.41 -11.05 32.16
N GLU A 144 -4.89 -11.15 30.91
CA GLU A 144 -4.75 -10.05 29.94
C GLU A 144 -5.56 -8.82 30.35
N GLN A 145 -6.86 -9.01 30.53
CA GLN A 145 -7.75 -7.93 30.99
C GLN A 145 -7.46 -7.41 32.42
N ASN A 146 -6.71 -8.19 33.21
CA ASN A 146 -6.18 -7.74 34.50
C ASN A 146 -5.03 -6.71 34.32
N ARG A 147 -4.14 -6.98 33.35
CA ARG A 147 -3.08 -6.03 32.96
C ARG A 147 -3.64 -4.67 32.53
N LEU A 148 -4.70 -4.70 31.70
CA LEU A 148 -5.38 -3.49 31.19
C LEU A 148 -6.17 -2.70 32.26
N SER A 149 -6.81 -3.39 33.20
CA SER A 149 -7.42 -2.72 34.35
C SER A 149 -6.32 -2.01 35.17
N GLU A 150 -5.21 -2.73 35.37
CA GLU A 150 -4.02 -2.16 36.04
C GLU A 150 -3.48 -0.94 35.30
N CYS A 151 -3.37 -1.08 33.98
CA CYS A 151 -2.94 0.02 33.11
C CYS A 151 -3.91 1.19 33.15
N GLU A 152 -5.21 0.89 33.19
CA GLU A 152 -6.24 1.91 33.30
C GLU A 152 -6.18 2.63 34.67
N GLU A 153 -6.03 1.85 35.74
CA GLU A 153 -5.99 2.42 37.10
C GLU A 153 -4.70 3.19 37.40
N GLN A 154 -3.59 2.81 36.75
CA GLN A 154 -2.34 3.59 36.81
C GLN A 154 -2.50 4.96 36.14
N ALA A 155 -3.18 4.96 35.00
CA ALA A 155 -3.47 6.18 34.23
C ALA A 155 -4.53 7.06 34.90
N LYS A 156 -5.57 6.44 35.49
CA LYS A 156 -6.59 7.18 36.23
C LYS A 156 -6.05 7.77 37.54
N ALA A 157 -5.14 7.04 38.21
CA ALA A 157 -4.49 7.53 39.44
C ALA A 157 -3.50 8.65 39.15
N ALA A 158 -2.67 8.48 38.12
CA ALA A 158 -1.71 9.52 37.69
C ALA A 158 -2.35 10.67 36.89
N LYS A 159 -3.63 10.52 36.51
CA LYS A 159 -4.42 11.55 35.84
C LYS A 159 -3.82 11.94 34.48
N LYS A 160 -3.40 10.92 33.71
CA LYS A 160 -2.82 11.10 32.38
C LYS A 160 -3.89 11.06 31.29
N GLY A 161 -3.61 11.76 30.19
CA GLY A 161 -4.46 11.73 28.99
C GLY A 161 -5.86 12.22 29.26
N MET A 162 -6.85 11.40 28.94
CA MET A 162 -8.26 11.78 29.12
C MET A 162 -8.72 11.78 30.58
N TRP A 163 -7.97 11.13 31.46
CA TRP A 163 -8.22 11.20 32.90
C TRP A 163 -7.75 12.54 33.50
N SER A 164 -6.96 13.31 32.76
CA SER A 164 -6.53 14.65 33.15
C SER A 164 -7.70 15.58 33.44
N GLU A 165 -7.46 16.58 34.28
CA GLU A 165 -8.49 17.51 34.75
C GLU A 165 -8.84 18.49 33.62
N GLY A 166 -9.81 18.09 32.81
CA GLY A 166 -10.26 18.89 31.67
C GLY A 166 -11.37 18.21 30.87
N ASN A 167 -11.79 18.87 29.81
CA ASN A 167 -12.72 18.33 28.81
C ASN A 167 -11.99 17.70 27.61
N GLY A 168 -10.78 18.20 27.32
CA GLY A 168 -9.92 17.68 26.24
C GLY A 168 -9.86 18.54 24.99
N SER A 169 -10.72 19.57 24.90
CA SER A 169 -10.84 20.44 23.71
C SER A 169 -9.53 20.79 23.01
N HIS A 170 -8.48 21.03 23.79
CA HIS A 170 -7.12 21.29 23.26
C HIS A 170 -6.44 20.13 22.48
N THR A 171 -7.06 18.94 22.42
CA THR A 171 -6.55 17.81 21.63
C THR A 171 -7.21 17.70 20.26
N ILE A 172 -8.22 18.54 20.01
CA ILE A 172 -8.97 18.55 18.77
C ILE A 172 -8.26 19.52 17.80
N ARG A 173 -7.99 19.05 16.57
CA ARG A 173 -7.29 19.87 15.57
C ARG A 173 -8.28 20.79 14.90
N ASP A 174 -7.79 21.98 14.55
CA ASP A 174 -8.53 22.88 13.68
C ASP A 174 -8.23 22.44 12.23
N LEU A 175 -8.88 21.35 11.81
CA LEU A 175 -8.61 20.80 10.47
C LEU A 175 -9.19 21.67 9.36
N LYS A 176 -8.33 22.04 8.43
CA LYS A 176 -8.69 22.77 7.26
C LYS A 176 -8.36 21.84 6.10
N TYR A 177 -9.38 21.53 5.30
CA TYR A 177 -9.24 20.70 4.12
C TYR A 177 -8.96 21.51 2.83
N THR A 178 -8.99 22.85 2.88
CA THR A 178 -8.56 23.68 1.74
C THR A 178 -7.81 24.92 2.21
N ILE A 179 -6.69 25.21 1.57
CA ILE A 179 -6.01 26.48 1.80
C ILE A 179 -6.79 27.55 1.05
N GLU A 180 -7.08 28.66 1.73
CA GLU A 180 -7.96 29.69 1.20
C GLU A 180 -7.39 30.31 -0.08
N ASN A 181 -6.14 30.76 -0.01
CA ASN A 181 -5.39 31.29 -1.16
C ASN A 181 -4.02 30.59 -1.23
N PRO A 182 -3.88 29.55 -2.07
CA PRO A 182 -2.63 28.80 -2.17
C PRO A 182 -1.40 29.65 -2.48
N ARG A 183 -1.53 30.61 -3.40
CA ARG A 183 -0.41 31.47 -3.78
C ARG A 183 0.14 32.20 -2.56
N HIS A 184 -0.73 32.92 -1.87
CA HIS A 184 -0.32 33.67 -0.68
C HIS A 184 0.28 32.74 0.36
N PHE A 185 -0.39 31.61 0.58
CA PHE A 185 0.03 30.59 1.56
C PHE A 185 1.40 29.99 1.26
N VAL A 186 1.65 29.67 -0.01
CA VAL A 186 2.97 29.22 -0.48
C VAL A 186 4.02 30.33 -0.34
N ASP A 187 3.65 31.58 -0.67
CA ASP A 187 4.58 32.73 -0.51
C ASP A 187 4.92 32.99 0.96
N SER A 188 3.91 32.91 1.83
CA SER A 188 4.02 33.15 3.28
C SER A 188 5.17 32.42 3.95
N HIS A 189 5.42 31.19 3.52
CA HIS A 189 6.50 30.37 4.10
C HIS A 189 7.86 30.58 3.43
N HIS A 190 7.89 31.31 2.30
CA HIS A 190 9.13 31.72 1.63
C HIS A 190 10.04 30.56 1.20
N GLN A 191 9.43 29.44 0.83
CA GLN A 191 10.13 28.17 0.55
C GLN A 191 11.05 27.73 1.72
N LYS A 192 10.60 27.96 2.95
CA LYS A 192 11.31 27.50 4.15
C LYS A 192 10.57 26.26 4.64
N PRO A 193 11.30 25.16 4.96
CA PRO A 193 10.64 23.86 5.12
C PRO A 193 9.55 23.84 6.19
N VAL A 194 8.35 23.41 5.79
CA VAL A 194 7.22 23.28 6.68
C VAL A 194 7.23 21.84 7.21
N ASN A 195 7.28 21.69 8.54
CA ASN A 195 7.11 20.37 9.17
C ASN A 195 5.79 19.76 8.74
N ALA A 196 5.75 18.45 8.58
CA ALA A 196 4.58 17.77 8.01
C ALA A 196 4.59 16.28 8.27
N ILE A 197 3.41 15.69 8.32
CA ILE A 197 3.26 14.23 8.34
C ILE A 197 2.60 13.81 7.03
N ILE A 198 3.08 12.71 6.43
CA ILE A 198 2.53 12.17 5.17
C ILE A 198 1.39 11.22 5.56
N GLU A 199 0.18 11.47 5.05
CA GLU A 199 -1.01 10.74 5.50
C GLU A 199 -1.52 9.72 4.51
N HIS A 200 -1.13 9.88 3.24
CA HIS A 200 -1.59 9.00 2.13
C HIS A 200 -0.72 9.26 0.90
N VAL A 201 -0.48 8.20 0.14
CA VAL A 201 0.29 8.25 -1.10
C VAL A 201 -0.65 7.77 -2.24
N ARG A 202 -1.16 8.70 -3.06
CA ARG A 202 -2.06 8.33 -4.19
C ARG A 202 -1.33 7.53 -5.22
N ASP A 203 -0.22 8.10 -5.68
CA ASP A 203 0.74 7.41 -6.52
C ASP A 203 2.14 7.82 -6.06
N GLY A 204 3.15 7.21 -6.69
CA GLY A 204 4.54 7.41 -6.30
C GLY A 204 5.05 8.84 -6.17
N SER A 205 4.42 9.79 -6.86
CA SER A 205 4.85 11.18 -6.82
C SER A 205 3.81 12.21 -6.35
N VAL A 206 2.61 11.80 -5.93
CA VAL A 206 1.71 12.72 -5.20
C VAL A 206 1.22 12.13 -3.87
N VAL A 207 1.16 12.98 -2.84
CA VAL A 207 0.85 12.59 -1.47
C VAL A 207 -0.22 13.49 -0.86
N ARG A 208 -0.85 13.00 0.19
CA ARG A 208 -1.66 13.84 1.08
C ARG A 208 -0.80 14.03 2.31
N ALA A 209 -0.64 15.28 2.72
CA ALA A 209 0.27 15.62 3.82
C ALA A 209 -0.41 16.59 4.76
N LEU A 210 -0.24 16.34 6.06
CA LEU A 210 -0.76 17.17 7.15
C LEU A 210 0.31 18.22 7.54
N LEU A 211 0.05 19.48 7.23
CA LEU A 211 0.99 20.57 7.50
C LEU A 211 0.86 21.11 8.92
N LEU A 212 1.99 21.17 9.63
CA LEU A 212 2.07 21.61 11.02
C LEU A 212 2.76 22.98 11.06
N PRO A 213 2.42 23.85 12.02
CA PRO A 213 1.49 23.60 13.13
C PRO A 213 -0.01 23.96 12.87
N ASP A 214 -0.40 24.17 11.61
CA ASP A 214 -1.73 24.68 11.25
C ASP A 214 -2.81 23.60 11.08
N TYR A 215 -2.38 22.38 10.74
CA TYR A 215 -3.25 21.24 10.37
C TYR A 215 -4.04 21.47 9.08
N TYR A 216 -3.37 21.97 8.04
CA TYR A 216 -3.92 21.95 6.69
C TYR A 216 -3.58 20.60 6.11
N LEU A 217 -4.63 19.84 5.77
CA LEU A 217 -4.51 18.56 5.02
C LEU A 217 -4.69 18.82 3.51
N VAL A 218 -3.58 18.72 2.78
CA VAL A 218 -3.51 19.13 1.39
C VAL A 218 -2.79 18.09 0.55
N THR A 219 -3.02 18.16 -0.75
CA THR A 219 -2.37 17.27 -1.71
C THR A 219 -1.07 17.96 -2.13
N VAL A 220 0.02 17.19 -2.16
CA VAL A 220 1.33 17.70 -2.60
C VAL A 220 1.83 16.80 -3.73
N MET A 221 2.08 17.40 -4.90
CA MET A 221 2.80 16.70 -5.96
C MET A 221 4.27 17.04 -5.90
N LEU A 222 5.14 16.10 -6.22
CA LEU A 222 6.59 16.35 -6.26
C LEU A 222 6.95 17.12 -7.54
N SER A 223 7.54 18.31 -7.36
CA SER A 223 7.98 19.17 -8.47
C SER A 223 9.01 18.47 -9.35
N GLY A 224 8.85 18.59 -10.66
CA GLY A 224 9.83 18.08 -11.61
C GLY A 224 9.70 16.62 -12.02
N ILE A 225 8.85 15.84 -11.34
CA ILE A 225 8.63 14.44 -11.71
C ILE A 225 7.18 14.06 -11.90
N LYS A 226 7.01 12.91 -12.55
CA LYS A 226 5.74 12.24 -12.63
C LYS A 226 6.04 10.77 -12.60
N CYS A 227 5.50 10.07 -11.61
CA CYS A 227 5.53 8.62 -11.63
C CYS A 227 4.36 8.19 -12.51
N PRO A 228 4.35 6.91 -12.95
CA PRO A 228 3.16 6.32 -13.57
C PRO A 228 1.94 6.36 -12.63
N THR A 229 0.74 6.30 -13.19
CA THR A 229 -0.48 6.56 -12.44
C THR A 229 -1.47 5.40 -12.52
N PHE A 230 -2.53 5.48 -11.68
CA PHE A 230 -3.61 4.47 -11.60
C PHE A 230 -4.90 4.90 -12.31
N ARG A 231 -5.53 3.94 -13.00
CA ARG A 231 -6.77 4.20 -13.72
C ARG A 231 -7.68 2.97 -13.81
N ARG A 232 -8.98 3.24 -13.86
CA ARG A 232 -10.01 2.31 -14.38
C ARG A 232 -9.97 0.94 -13.68
N GLU A 233 -9.49 -0.10 -14.35
CA GLU A 233 -9.28 -1.44 -13.76
C GLU A 233 -7.87 -1.93 -14.11
N THR A 234 -6.99 -0.98 -14.43
CA THR A 234 -5.70 -1.29 -15.03
C THR A 234 -4.78 -0.03 -15.04
N PRO A 235 -3.74 -0.02 -14.16
CA PRO A 235 -2.80 1.12 -14.06
C PRO A 235 -1.63 1.05 -15.04
N GLU A 236 -0.89 2.15 -15.21
CA GLU A 236 0.32 2.15 -16.06
C GLU A 236 1.40 1.21 -15.47
N PRO A 237 2.37 0.76 -16.30
CA PRO A 237 3.45 -0.07 -15.74
C PRO A 237 4.25 0.64 -14.63
N PHE A 238 4.60 -0.15 -13.60
CA PHE A 238 5.31 0.35 -12.40
C PHE A 238 4.58 1.38 -11.53
N ALA A 239 3.27 1.53 -11.70
CA ALA A 239 2.54 2.53 -10.92
C ALA A 239 2.33 2.01 -9.48
N ALA A 240 1.95 0.75 -9.33
CA ALA A 240 1.80 0.14 -8.00
C ALA A 240 3.17 0.00 -7.34
N GLU A 241 4.17 -0.22 -8.18
CA GLU A 241 5.54 -0.32 -7.73
C GLU A 241 5.98 1.01 -7.13
N ALA A 242 5.79 2.10 -7.88
CA ALA A 242 6.21 3.45 -7.40
C ALA A 242 5.40 3.90 -6.18
N LYS A 243 4.11 3.54 -6.16
CA LYS A 243 3.27 3.82 -5.01
C LYS A 243 3.88 3.14 -3.80
N PHE A 244 4.06 1.83 -3.85
CA PHE A 244 4.71 1.08 -2.78
C PHE A 244 6.09 1.65 -2.36
N PHE A 245 6.89 2.05 -3.35
CA PHE A 245 8.22 2.62 -3.12
C PHE A 245 8.13 3.83 -2.18
N THR A 246 7.41 4.87 -2.60
CA THR A 246 7.23 6.09 -1.83
C THR A 246 6.44 5.85 -0.53
N GLU A 247 5.47 4.96 -0.61
CA GLU A 247 4.61 4.60 0.55
C GLU A 247 5.39 3.85 1.67
N SER A 248 6.26 2.90 1.32
CA SER A 248 7.06 2.15 2.33
C SER A 248 8.15 3.01 3.02
N ARG A 249 8.63 4.02 2.31
CA ARG A 249 9.64 4.96 2.86
C ARG A 249 9.02 6.12 3.63
N LEU A 250 7.83 6.58 3.24
CA LEU A 250 7.27 7.84 3.78
C LEU A 250 5.89 7.84 4.41
N LEU A 251 5.03 6.85 4.15
CA LEU A 251 3.69 6.83 4.81
C LEU A 251 3.80 6.94 6.35
N GLN A 252 3.02 7.87 6.92
CA GLN A 252 2.97 8.19 8.36
C GLN A 252 4.35 8.42 9.00
N ARG A 253 5.19 9.15 8.29
CA ARG A 253 6.46 9.65 8.80
C ARG A 253 6.41 11.17 8.95
N ASP A 254 7.10 11.65 9.97
CA ASP A 254 7.33 13.08 10.12
C ASP A 254 8.28 13.47 9.01
N VAL A 255 8.00 14.55 8.32
CA VAL A 255 8.89 15.06 7.27
C VAL A 255 8.86 16.57 7.32
N GLN A 256 9.67 17.20 6.48
CA GLN A 256 9.55 18.61 6.19
C GLN A 256 9.28 18.74 4.70
N ILE A 257 8.50 19.73 4.30
CA ILE A 257 8.14 19.90 2.89
C ILE A 257 8.40 21.33 2.46
N ILE A 258 9.17 21.51 1.39
CA ILE A 258 9.36 22.85 0.79
C ILE A 258 8.18 23.08 -0.13
N LEU A 259 7.34 24.06 0.21
CA LEU A 259 6.20 24.43 -0.60
C LEU A 259 6.72 25.32 -1.74
N GLU A 260 6.83 24.76 -2.95
CA GLU A 260 7.55 25.39 -4.08
C GLU A 260 6.67 26.14 -5.06
N SER A 261 5.43 25.67 -5.24
CA SER A 261 4.40 26.37 -6.04
C SER A 261 3.03 25.71 -5.80
N CYS A 262 2.00 26.11 -6.55
CA CYS A 262 0.71 25.39 -6.54
C CYS A 262 0.15 25.21 -7.94
N HIS A 263 -0.77 24.28 -8.07
CA HIS A 263 -1.52 24.03 -9.30
C HIS A 263 -2.95 23.71 -8.88
N ASN A 264 -3.78 24.75 -8.89
CA ASN A 264 -5.14 24.68 -8.36
C ASN A 264 -5.06 24.45 -6.84
N GLN A 265 -5.86 23.52 -6.30
CA GLN A 265 -5.77 23.19 -4.86
C GLN A 265 -4.53 22.35 -4.50
N ASN A 266 -3.88 21.74 -5.49
CA ASN A 266 -2.64 20.99 -5.26
C ASN A 266 -1.45 21.91 -5.07
N ILE A 267 -0.57 21.51 -4.17
CA ILE A 267 0.68 22.25 -3.88
C ILE A 267 1.78 21.47 -4.57
N LEU A 268 2.59 22.17 -5.35
CA LEU A 268 3.84 21.59 -5.87
C LEU A 268 4.87 21.73 -4.75
N GLY A 269 5.72 20.73 -4.58
CA GLY A 269 6.66 20.76 -3.47
C GLY A 269 7.62 19.58 -3.39
N THR A 270 8.49 19.63 -2.38
CA THR A 270 9.60 18.69 -2.23
C THR A 270 9.71 18.25 -0.78
N ILE A 271 9.69 16.93 -0.56
CA ILE A 271 9.78 16.35 0.78
C ILE A 271 11.25 16.14 1.20
N LEU A 272 11.59 16.64 2.39
CA LEU A 272 12.86 16.41 3.04
C LEU A 272 12.68 15.35 4.13
N HIS A 273 13.58 14.37 4.14
CA HIS A 273 13.69 13.40 5.24
C HIS A 273 15.18 13.08 5.41
N PRO A 274 15.64 12.77 6.64
CA PRO A 274 17.05 12.43 6.83
C PRO A 274 17.63 11.44 5.82
N ASN A 275 16.93 10.34 5.59
CA ASN A 275 17.40 9.24 4.73
C ASN A 275 17.54 9.58 3.23
N GLY A 276 16.95 10.70 2.80
CA GLY A 276 17.19 11.22 1.44
C GLY A 276 16.04 11.98 0.83
N ASN A 277 16.26 12.38 -0.43
CA ASN A 277 15.31 13.12 -1.26
C ASN A 277 14.49 12.16 -2.16
N ILE A 278 13.23 11.89 -1.78
CA ILE A 278 12.35 10.96 -2.52
C ILE A 278 12.17 11.26 -4.02
N THR A 279 12.09 12.54 -4.38
CA THR A 279 12.10 12.97 -5.77
C THR A 279 13.37 12.49 -6.48
N GLU A 280 14.51 12.65 -5.81
CA GLU A 280 15.84 12.27 -6.33
C GLU A 280 16.00 10.76 -6.50
N LEU A 281 15.60 9.98 -5.49
CA LEU A 281 15.58 8.52 -5.57
C LEU A 281 14.67 7.95 -6.65
N LEU A 282 13.40 8.36 -6.65
CA LEU A 282 12.38 7.83 -7.57
C LEU A 282 12.87 7.80 -9.00
N LEU A 283 13.51 8.90 -9.42
CA LEU A 283 14.19 8.98 -10.72
C LEU A 283 15.39 8.03 -10.83
N LYS A 284 16.31 8.06 -9.87
CA LYS A 284 17.54 7.20 -9.93
C LYS A 284 17.23 5.69 -9.88
N GLU A 285 16.06 5.31 -9.35
CA GLU A 285 15.60 3.92 -9.33
C GLU A 285 14.62 3.60 -10.46
N GLY A 286 14.47 4.50 -11.43
CA GLY A 286 13.56 4.29 -12.57
C GLY A 286 12.09 4.10 -12.22
N PHE A 287 11.58 4.96 -11.34
CA PHE A 287 10.14 4.99 -11.01
C PHE A 287 9.46 6.31 -11.37
N ALA A 288 10.16 7.20 -12.10
CA ALA A 288 9.65 8.52 -12.45
C ALA A 288 10.39 9.16 -13.62
N ARG A 289 9.72 10.09 -14.28
CA ARG A 289 10.27 10.81 -15.44
C ARG A 289 10.26 12.30 -15.13
N CYS A 290 11.26 13.04 -15.62
CA CYS A 290 11.27 14.50 -15.47
C CYS A 290 10.14 15.11 -16.29
N VAL A 291 9.54 16.18 -15.77
CA VAL A 291 8.48 16.91 -16.46
C VAL A 291 8.83 18.41 -16.52
N ASP A 292 8.56 19.04 -17.68
CA ASP A 292 9.12 20.36 -18.03
C ASP A 292 8.45 21.55 -17.36
N TRP A 293 7.13 21.53 -17.29
CA TRP A 293 6.35 22.60 -16.61
C TRP A 293 6.81 22.85 -15.16
N SER A 294 6.93 21.77 -14.38
CA SER A 294 7.16 21.89 -12.96
C SER A 294 8.62 21.79 -12.52
N ILE A 295 9.57 21.59 -13.45
CA ILE A 295 10.99 21.50 -13.06
C ILE A 295 11.61 22.84 -12.60
N ALA A 296 11.05 23.96 -13.06
CA ALA A 296 11.56 25.30 -12.73
C ALA A 296 11.41 25.71 -11.27
N VAL A 297 10.34 25.28 -10.63
CA VAL A 297 10.11 25.58 -9.21
C VAL A 297 10.88 24.68 -8.24
N TYR A 298 11.45 23.58 -8.72
CA TYR A 298 12.28 22.68 -7.89
C TYR A 298 13.45 23.41 -7.25
N THR A 299 13.29 23.79 -5.98
CA THR A 299 14.30 24.55 -5.25
C THR A 299 15.66 23.88 -5.20
N ARG A 300 15.65 22.57 -4.94
CA ARG A 300 16.88 21.79 -4.75
C ARG A 300 17.79 21.59 -5.99
N GLY A 301 17.40 22.10 -7.16
CA GLY A 301 18.28 22.19 -8.32
C GLY A 301 17.88 21.29 -9.46
N ALA A 302 17.35 21.89 -10.53
CA ALA A 302 16.85 21.15 -11.71
C ALA A 302 17.92 20.34 -12.48
N GLU A 303 19.19 20.74 -12.33
CA GLU A 303 20.34 20.00 -12.87
C GLU A 303 20.41 18.55 -12.35
N LYS A 304 20.08 18.38 -11.07
CA LYS A 304 20.24 17.08 -10.39
C LYS A 304 19.13 16.05 -10.70
N LEU A 305 17.93 16.52 -11.05
CA LEU A 305 16.82 15.63 -11.45
C LEU A 305 17.05 15.10 -12.86
N ARG A 306 17.42 16.00 -13.76
CA ARG A 306 17.88 15.66 -15.11
C ARG A 306 19.02 14.62 -15.13
N ALA A 307 19.93 14.72 -14.16
CA ALA A 307 21.08 13.81 -14.00
C ALA A 307 20.70 12.42 -13.46
N ALA A 308 19.82 12.37 -12.46
CA ALA A 308 19.35 11.09 -11.91
C ALA A 308 18.40 10.32 -12.87
N GLU A 309 17.66 11.04 -13.73
CA GLU A 309 16.88 10.37 -14.80
C GLU A 309 17.84 9.62 -15.71
N ARG A 310 18.89 10.30 -16.13
CA ARG A 310 19.94 9.74 -17.00
C ARG A 310 20.63 8.52 -16.38
N PHE A 311 20.84 8.54 -15.06
CA PHE A 311 21.41 7.41 -14.34
C PHE A 311 20.61 6.12 -14.55
N ALA A 312 19.28 6.22 -14.44
CA ALA A 312 18.37 5.09 -14.58
C ALA A 312 18.16 4.70 -16.04
N LYS A 313 18.09 5.70 -16.92
CA LYS A 313 18.11 5.49 -18.36
C LYS A 313 19.29 4.65 -18.83
N GLU A 314 20.49 5.07 -18.43
CA GLU A 314 21.73 4.45 -18.92
C GLU A 314 21.88 3.02 -18.42
N ARG A 315 21.38 2.76 -17.21
CA ARG A 315 21.28 1.39 -16.68
C ARG A 315 20.02 0.62 -17.14
N ARG A 316 19.22 1.19 -18.04
CA ARG A 316 18.06 0.50 -18.63
C ARG A 316 17.09 0.01 -17.53
N LEU A 317 16.85 0.88 -16.54
CA LEU A 317 16.18 0.49 -15.28
C LEU A 317 14.67 0.68 -15.31
N ARG A 318 13.94 -0.42 -15.11
CA ARG A 318 12.48 -0.43 -14.89
C ARG A 318 11.63 0.24 -16.01
N ILE A 319 11.19 1.49 -15.83
CA ILE A 319 10.50 2.21 -16.90
C ILE A 319 11.37 2.37 -18.16
N TRP A 320 12.69 2.25 -17.99
CA TRP A 320 13.66 2.32 -19.08
C TRP A 320 14.17 0.97 -19.62
N ARG A 321 13.46 -0.14 -19.34
CA ARG A 321 13.79 -1.43 -19.95
C ARG A 321 13.49 -1.44 -21.44
N ASP A 322 14.07 -2.41 -22.15
CA ASP A 322 13.80 -2.61 -23.59
C ASP A 322 12.49 -3.34 -23.87
N TYR A 323 12.13 -4.24 -22.95
CA TYR A 323 10.76 -4.77 -22.88
C TYR A 323 10.04 -4.10 -21.72
N VAL A 324 9.00 -3.32 -22.05
CA VAL A 324 8.28 -2.51 -21.05
C VAL A 324 6.82 -2.27 -21.46
N PRO B 22 -33.35 2.84 34.80
CA PRO B 22 -33.03 3.75 33.70
C PRO B 22 -33.83 5.06 33.75
N THR B 23 -33.14 6.20 33.78
CA THR B 23 -33.79 7.52 33.78
C THR B 23 -34.41 7.79 32.39
N VAL B 24 -35.68 7.42 32.20
CA VAL B 24 -36.33 7.48 30.89
C VAL B 24 -36.58 8.92 30.42
N GLN B 25 -36.36 9.17 29.13
CA GLN B 25 -36.49 10.52 28.54
C GLN B 25 -37.22 10.46 27.20
N ARG B 26 -37.83 11.58 26.80
CA ARG B 26 -38.53 11.66 25.50
C ARG B 26 -37.68 12.46 24.48
N GLY B 27 -38.03 12.34 23.21
CA GLY B 27 -37.37 13.09 22.15
C GLY B 27 -37.90 12.88 20.74
N ILE B 28 -37.33 13.60 19.78
CA ILE B 28 -37.65 13.44 18.36
C ILE B 28 -36.38 13.14 17.58
N ILE B 29 -36.50 12.20 16.66
CA ILE B 29 -35.36 11.69 15.91
C ILE B 29 -34.94 12.80 14.98
N LYS B 30 -33.71 13.30 15.17
CA LYS B 30 -33.12 14.29 14.25
C LYS B 30 -32.52 13.58 13.06
N MET B 31 -31.69 12.58 13.33
CA MET B 31 -31.06 11.81 12.28
C MET B 31 -30.44 10.52 12.77
N VAL B 32 -30.18 9.63 11.81
CA VAL B 32 -29.46 8.39 12.00
C VAL B 32 -28.04 8.58 11.41
N LEU B 33 -27.02 8.35 12.23
CA LEU B 33 -25.61 8.54 11.83
C LEU B 33 -24.92 7.26 11.32
N SER B 34 -23.66 7.41 10.96
CA SER B 34 -22.77 6.28 10.67
C SER B 34 -22.59 5.40 11.92
N GLY B 35 -22.77 4.09 11.73
CA GLY B 35 -22.75 3.13 12.81
C GLY B 35 -24.09 3.06 13.53
N CYS B 36 -25.11 3.61 12.88
CA CYS B 36 -26.45 3.75 13.46
C CYS B 36 -26.52 4.34 14.89
N ALA B 37 -25.57 5.22 15.21
CA ALA B 37 -25.74 6.13 16.32
C ALA B 37 -26.85 7.14 15.91
N ILE B 38 -27.62 7.58 16.89
CA ILE B 38 -28.83 8.33 16.66
C ILE B 38 -28.67 9.72 17.26
N ILE B 39 -29.17 10.73 16.57
CA ILE B 39 -29.26 12.08 17.14
C ILE B 39 -30.73 12.37 17.45
N VAL B 40 -30.99 12.75 18.70
CA VAL B 40 -32.35 12.92 19.21
C VAL B 40 -32.42 14.33 19.72
N ARG B 41 -33.49 15.06 19.37
CA ARG B 41 -33.62 16.47 19.79
C ARG B 41 -34.93 16.78 20.51
N GLY B 42 -34.86 17.73 21.45
CA GLY B 42 -36.06 18.19 22.15
C GLY B 42 -36.84 19.19 21.33
N GLN B 43 -37.87 19.76 21.94
CA GLN B 43 -38.70 20.82 21.35
C GLN B 43 -37.99 22.15 21.65
N PRO B 44 -37.94 23.08 20.68
CA PRO B 44 -37.21 24.34 20.91
C PRO B 44 -37.96 25.26 21.90
N ARG B 45 -37.26 25.68 22.97
CA ARG B 45 -37.83 26.57 23.98
C ARG B 45 -36.78 27.59 24.43
N GLY B 46 -36.80 28.78 23.79
CA GLY B 46 -35.80 29.82 24.03
C GLY B 46 -34.73 29.96 22.94
N GLY B 47 -34.55 28.90 22.13
CA GLY B 47 -33.50 28.89 21.09
C GLY B 47 -33.55 27.65 20.21
N PRO B 48 -32.41 27.30 19.56
CA PRO B 48 -32.37 26.04 18.78
C PRO B 48 -32.50 24.82 19.69
N PRO B 49 -33.28 23.80 19.28
CA PRO B 49 -33.54 22.71 20.23
C PRO B 49 -32.25 22.01 20.63
N PRO B 50 -32.18 21.48 21.86
CA PRO B 50 -30.98 20.74 22.29
C PRO B 50 -30.92 19.29 21.75
N GLU B 51 -29.73 18.81 21.41
CA GLU B 51 -29.51 17.52 20.73
C GLU B 51 -28.68 16.54 21.57
N ARG B 52 -29.00 15.26 21.45
CA ARG B 52 -28.28 14.18 22.16
C ARG B 52 -27.87 13.09 21.18
N GLN B 53 -26.60 12.72 21.22
CA GLN B 53 -26.12 11.60 20.40
C GLN B 53 -26.11 10.36 21.28
N ILE B 54 -27.01 9.43 20.97
CA ILE B 54 -27.07 8.13 21.65
C ILE B 54 -26.53 7.05 20.70
N ASN B 55 -25.56 6.28 21.17
CA ASN B 55 -25.06 5.10 20.44
C ASN B 55 -25.77 3.85 20.92
N LEU B 56 -26.33 3.07 20.01
CA LEU B 56 -27.11 1.90 20.37
C LEU B 56 -26.27 0.85 21.07
N SER B 57 -26.73 0.44 22.26
CA SER B 57 -25.84 -0.08 23.32
C SER B 57 -25.17 -1.42 23.08
N ASN B 58 -25.95 -2.46 22.78
CA ASN B 58 -25.37 -3.81 22.74
C ASN B 58 -24.94 -4.25 21.35
N ILE B 59 -24.96 -3.34 20.38
CA ILE B 59 -24.93 -3.73 18.97
C ILE B 59 -23.90 -2.99 18.11
N ARG B 60 -23.51 -3.63 17.01
CA ARG B 60 -22.53 -3.13 16.03
C ARG B 60 -23.21 -3.07 14.66
N ALA B 61 -23.10 -1.93 13.99
CA ALA B 61 -23.52 -1.78 12.61
C ALA B 61 -22.37 -1.22 11.78
N GLY B 62 -22.46 -1.41 10.46
CA GLY B 62 -21.41 -0.91 9.57
C GLY B 62 -21.23 0.61 9.59
N ASN B 63 -19.97 1.05 9.53
CA ASN B 63 -19.62 2.45 9.30
C ASN B 63 -19.88 2.84 7.84
N LEU B 64 -20.52 4.00 7.62
CA LEU B 64 -20.79 4.49 6.25
C LEU B 64 -19.52 5.00 5.60
N ALA B 65 -19.62 5.28 4.30
CA ALA B 65 -18.56 5.96 3.57
C ALA B 65 -18.18 7.29 4.23
N ARG B 66 -16.89 7.60 4.20
CA ARG B 66 -16.34 8.82 4.78
C ARG B 66 -15.12 9.19 3.97
N ARG B 67 -14.45 10.27 4.37
CA ARG B 67 -13.21 10.65 3.71
C ARG B 67 -12.40 11.63 4.56
N ALA B 68 -11.10 11.58 4.39
CA ALA B 68 -10.17 12.51 5.07
C ALA B 68 -8.85 12.54 4.29
N ALA B 69 -7.85 11.74 4.67
CA ALA B 69 -6.59 11.59 3.90
C ALA B 69 -6.89 10.93 2.56
N LYS B 70 -7.69 9.86 2.61
CA LYS B 70 -8.29 9.24 1.41
C LYS B 70 -9.79 8.97 1.59
N ASP B 71 -10.43 8.63 0.48
CA ASP B 71 -11.82 8.14 0.46
C ASP B 71 -11.82 6.72 0.98
N THR B 72 -12.67 6.44 1.98
CA THR B 72 -12.90 5.07 2.43
C THR B 72 -14.37 4.76 2.12
N PRO B 73 -14.65 3.53 1.68
CA PRO B 73 -16.00 3.24 1.19
C PRO B 73 -16.88 2.75 2.31
N ASP B 74 -18.16 2.55 2.02
CA ASP B 74 -19.07 1.89 2.97
C ASP B 74 -18.51 0.54 3.34
N GLU B 75 -18.67 0.16 4.61
CA GLU B 75 -18.55 -1.24 5.00
C GLU B 75 -19.77 -1.94 4.42
N PRO B 76 -19.70 -3.29 4.26
CA PRO B 76 -20.89 -4.01 3.81
C PRO B 76 -22.01 -3.96 4.85
N TRP B 77 -23.24 -3.75 4.38
CA TRP B 77 -24.44 -3.62 5.23
C TRP B 77 -24.52 -2.33 6.10
N ALA B 78 -23.59 -1.38 5.89
CA ALA B 78 -23.59 -0.12 6.64
C ALA B 78 -24.72 0.74 6.17
N PHE B 79 -24.83 0.91 4.85
CA PHE B 79 -25.84 1.77 4.24
C PHE B 79 -27.27 1.19 4.35
N PRO B 80 -27.48 -0.11 4.03
CA PRO B 80 -28.83 -0.71 4.25
C PRO B 80 -29.36 -0.61 5.69
N ALA B 81 -28.47 -0.69 6.67
CA ALA B 81 -28.81 -0.46 8.07
C ALA B 81 -29.25 0.99 8.33
N ARG B 82 -28.51 1.95 7.76
CA ARG B 82 -28.84 3.36 7.92
C ARG B 82 -30.24 3.58 7.40
N GLU B 83 -30.45 3.13 6.18
CA GLU B 83 -31.73 3.33 5.51
C GLU B 83 -32.91 2.75 6.27
N PHE B 84 -32.73 1.53 6.76
CA PHE B 84 -33.75 0.87 7.55
C PHE B 84 -34.22 1.77 8.69
N LEU B 85 -33.27 2.25 9.49
CA LEU B 85 -33.61 3.09 10.64
C LEU B 85 -34.04 4.48 10.27
N ARG B 86 -33.39 5.07 9.27
CA ARG B 86 -33.84 6.36 8.75
C ARG B 86 -35.32 6.26 8.35
N LYS B 87 -35.66 5.33 7.45
CA LYS B 87 -37.05 5.27 6.96
C LYS B 87 -38.11 4.98 8.04
N LYS B 88 -37.72 4.30 9.12
CA LYS B 88 -38.59 4.06 10.27
C LYS B 88 -38.72 5.21 11.24
N LEU B 89 -37.68 6.03 11.36
CA LEU B 89 -37.54 6.90 12.53
C LEU B 89 -37.56 8.42 12.32
N ILE B 90 -37.19 8.91 11.14
CA ILE B 90 -36.97 10.34 10.99
C ILE B 90 -38.23 11.13 11.30
N GLY B 91 -38.16 11.92 12.37
CA GLY B 91 -39.27 12.73 12.83
C GLY B 91 -40.37 12.01 13.62
N LYS B 92 -40.08 10.81 14.11
CA LYS B 92 -40.96 10.14 15.07
C LYS B 92 -40.63 10.64 16.46
N GLU B 93 -41.59 10.53 17.36
CA GLU B 93 -41.37 10.76 18.76
C GLU B 93 -40.85 9.42 19.29
N VAL B 94 -39.71 9.45 19.98
CA VAL B 94 -39.17 8.25 20.62
C VAL B 94 -38.97 8.48 22.11
N CYS B 95 -38.59 7.42 22.82
CA CYS B 95 -38.07 7.54 24.19
C CYS B 95 -36.80 6.70 24.35
N PHE B 96 -35.95 7.11 25.29
CA PHE B 96 -34.60 6.57 25.40
C PHE B 96 -34.01 6.58 26.81
N THR B 97 -33.14 5.60 27.06
CA THR B 97 -32.45 5.42 28.33
C THR B 97 -30.96 5.48 28.07
N ILE B 98 -30.19 5.90 29.07
CA ILE B 98 -28.73 6.05 28.98
C ILE B 98 -28.04 4.96 29.81
N GLU B 99 -27.75 3.81 29.20
CA GLU B 99 -27.19 2.66 29.91
C GLU B 99 -25.80 2.95 30.51
N ASN B 100 -25.03 3.86 29.89
CA ASN B 100 -23.69 4.20 30.38
C ASN B 100 -23.19 5.49 29.74
N LYS B 101 -22.14 6.09 30.31
CA LYS B 101 -21.49 7.28 29.73
C LYS B 101 -19.96 7.14 29.79
N THR B 102 -19.31 7.08 28.63
CA THR B 102 -17.86 6.85 28.52
C THR B 102 -17.10 8.17 28.56
N PRO B 103 -15.81 8.14 28.99
CA PRO B 103 -15.05 9.39 29.20
C PRO B 103 -14.42 9.91 27.90
N GLY B 105 -17.10 12.30 25.47
CA GLY B 105 -18.39 12.53 26.12
C GLY B 105 -19.55 11.76 25.52
N ARG B 106 -19.29 10.52 25.12
CA ARG B 106 -20.24 9.69 24.40
C ARG B 106 -21.20 8.99 25.35
N GLU B 107 -22.46 8.88 24.92
CA GLU B 107 -23.52 8.25 25.69
C GLU B 107 -23.98 6.97 24.96
N TYR B 108 -24.12 5.88 25.72
CA TYR B 108 -24.63 4.61 25.22
C TYR B 108 -26.02 4.33 25.79
N GLY B 109 -26.92 3.79 24.96
CA GLY B 109 -28.29 3.57 25.39
C GLY B 109 -29.22 2.82 24.46
N MET B 110 -30.50 2.82 24.85
CA MET B 110 -31.55 2.18 24.08
C MET B 110 -32.52 3.27 23.68
N ILE B 111 -33.20 3.04 22.56
CA ILE B 111 -34.19 3.96 22.00
C ILE B 111 -35.43 3.11 21.63
N TYR B 112 -36.62 3.55 22.00
CA TYR B 112 -37.84 2.77 21.71
C TYR B 112 -38.83 3.60 20.90
N LEU B 113 -39.28 3.06 19.77
CA LEU B 113 -40.25 3.78 18.95
C LEU B 113 -41.56 3.87 19.73
N GLY B 114 -41.93 5.09 20.12
CA GLY B 114 -43.15 5.32 20.91
C GLY B 114 -42.89 6.00 22.24
N LYS B 115 -43.96 6.38 22.93
CA LYS B 115 -43.89 7.17 24.17
C LYS B 115 -43.43 6.41 25.42
N ASP B 116 -43.51 5.08 25.41
CA ASP B 116 -43.15 4.26 26.57
C ASP B 116 -42.10 3.20 26.24
N THR B 117 -41.44 2.70 27.29
CA THR B 117 -40.27 1.83 27.15
C THR B 117 -40.55 0.34 26.88
N ASN B 118 -41.82 -0.05 26.84
CA ASN B 118 -42.18 -1.42 26.44
C ASN B 118 -42.45 -1.56 24.93
N GLY B 119 -42.35 -0.45 24.18
CA GLY B 119 -42.46 -0.47 22.71
C GLY B 119 -41.27 -1.03 21.94
N GLU B 120 -41.30 -0.83 20.62
CA GLU B 120 -40.29 -1.40 19.71
C GLU B 120 -38.89 -0.87 20.04
N ASN B 121 -38.04 -1.76 20.57
CA ASN B 121 -36.61 -1.48 20.75
C ASN B 121 -35.93 -1.55 19.36
N ILE B 122 -35.32 -0.43 18.99
CA ILE B 122 -34.84 -0.23 17.63
C ILE B 122 -33.65 -1.14 17.34
N ALA B 123 -32.79 -1.35 18.34
CA ALA B 123 -31.66 -2.28 18.20
C ALA B 123 -32.13 -3.71 17.91
N GLU B 124 -33.26 -4.09 18.50
CA GLU B 124 -33.85 -5.41 18.28
C GLU B 124 -34.40 -5.52 16.87
N SER B 125 -35.09 -4.48 16.42
CA SER B 125 -35.47 -4.39 15.02
C SER B 125 -34.24 -4.40 14.07
N LEU B 126 -33.16 -3.72 14.45
CA LEU B 126 -31.92 -3.71 13.63
C LEU B 126 -31.32 -5.08 13.46
N VAL B 127 -31.05 -5.70 14.60
CA VAL B 127 -30.40 -6.98 14.63
C VAL B 127 -31.28 -8.05 13.94
N ALA B 128 -32.60 -7.89 14.02
CA ALA B 128 -33.54 -8.87 13.44
C ALA B 128 -33.52 -8.91 11.92
N GLU B 129 -33.19 -7.79 11.26
CA GLU B 129 -33.07 -7.76 9.80
C GLU B 129 -31.69 -8.25 9.31
N GLY B 130 -30.80 -8.60 10.23
CA GLY B 130 -29.44 -8.97 9.89
C GLY B 130 -28.59 -7.77 9.56
N LEU B 131 -28.98 -6.60 10.05
CA LEU B 131 -28.30 -5.36 9.77
C LEU B 131 -27.43 -4.93 10.93
N ALA B 132 -27.47 -5.66 12.04
CA ALA B 132 -26.52 -5.46 13.12
C ALA B 132 -26.27 -6.73 13.90
N THR B 133 -25.15 -6.78 14.61
CA THR B 133 -24.82 -7.90 15.49
C THR B 133 -24.35 -7.39 16.85
N ARG B 134 -24.41 -8.26 17.86
CA ARG B 134 -23.96 -7.94 19.20
C ARG B 134 -22.45 -7.84 19.25
N ARG B 135 -21.94 -7.11 20.24
CA ARG B 135 -20.50 -6.95 20.41
C ARG B 135 -19.90 -8.19 21.09
N GLU B 136 -18.59 -8.18 21.33
CA GLU B 136 -17.93 -9.22 22.10
C GLU B 136 -18.21 -9.04 23.60
N ASN B 141 -26.84 -13.84 30.48
CA ASN B 141 -26.75 -12.43 30.77
C ASN B 141 -28.06 -11.96 31.40
N ASN B 142 -29.03 -11.51 30.62
CA ASN B 142 -30.21 -10.78 31.13
C ASN B 142 -31.36 -10.86 30.11
N PRO B 143 -32.60 -10.55 30.53
CA PRO B 143 -33.74 -10.57 29.57
C PRO B 143 -33.58 -9.71 28.30
N GLU B 144 -32.89 -8.57 28.40
CA GLU B 144 -32.64 -7.70 27.23
C GLU B 144 -31.73 -8.38 26.21
N GLN B 145 -30.54 -8.77 26.66
CA GLN B 145 -29.58 -9.49 25.81
C GLN B 145 -30.04 -10.88 25.34
N ASN B 146 -31.05 -11.45 26.02
CA ASN B 146 -31.74 -12.67 25.56
C ASN B 146 -32.64 -12.39 24.32
N ARG B 147 -33.35 -11.26 24.34
CA ARG B 147 -34.14 -10.80 23.18
C ARG B 147 -33.28 -10.61 21.93
N LEU B 148 -32.11 -9.99 22.11
CA LEU B 148 -31.16 -9.74 21.01
C LEU B 148 -30.45 -10.99 20.46
N SER B 149 -30.12 -11.95 21.34
CA SER B 149 -29.64 -13.25 20.87
C SER B 149 -30.73 -13.95 20.05
N GLU B 150 -31.97 -13.88 20.55
CA GLU B 150 -33.14 -14.40 19.82
C GLU B 150 -33.31 -13.71 18.47
N CYS B 151 -33.21 -12.38 18.47
CA CYS B 151 -33.26 -11.58 17.25
C CYS B 151 -32.13 -11.92 16.30
N GLU B 152 -30.93 -12.14 16.85
CA GLU B 152 -29.78 -12.53 16.04
C GLU B 152 -29.96 -13.95 15.44
N GLU B 153 -30.45 -14.89 16.25
CA GLU B 153 -30.65 -16.27 15.80
C GLU B 153 -31.82 -16.43 14.83
N GLN B 154 -32.83 -15.56 14.94
CA GLN B 154 -33.93 -15.50 13.94
C GLN B 154 -33.40 -15.03 12.58
N ALA B 155 -32.53 -14.03 12.61
CA ALA B 155 -31.90 -13.47 11.42
C ALA B 155 -30.84 -14.39 10.81
N LYS B 156 -30.06 -15.07 11.67
CA LYS B 156 -29.07 -16.05 11.21
C LYS B 156 -29.73 -17.32 10.64
N ALA B 157 -30.87 -17.74 11.22
CA ALA B 157 -31.63 -18.89 10.73
C ALA B 157 -32.33 -18.57 9.40
N ALA B 158 -32.98 -17.41 9.32
CA ALA B 158 -33.65 -16.95 8.09
C ALA B 158 -32.67 -16.40 7.02
N LYS B 159 -31.40 -16.23 7.39
CA LYS B 159 -30.32 -15.82 6.48
C LYS B 159 -30.57 -14.42 5.88
N LYS B 160 -31.03 -13.50 6.72
CA LYS B 160 -31.31 -12.11 6.33
C LYS B 160 -30.08 -11.22 6.49
N GLY B 161 -30.02 -10.17 5.66
CA GLY B 161 -28.99 -9.15 5.77
C GLY B 161 -27.59 -9.70 5.59
N MET B 162 -26.73 -9.45 6.56
CA MET B 162 -25.33 -9.89 6.47
C MET B 162 -25.15 -11.41 6.66
N TRP B 163 -26.15 -12.07 7.24
CA TRP B 163 -26.16 -13.54 7.33
C TRP B 163 -26.49 -14.20 5.98
N SER B 164 -26.98 -13.41 5.01
CA SER B 164 -27.23 -13.89 3.64
C SER B 164 -25.98 -14.47 2.99
N GLU B 165 -26.19 -15.38 2.04
CA GLU B 165 -25.11 -16.14 1.41
C GLU B 165 -24.38 -15.21 0.41
N GLY B 166 -23.37 -14.52 0.92
CA GLY B 166 -22.60 -13.57 0.12
C GLY B 166 -21.53 -12.87 0.92
N ASN B 167 -20.82 -11.97 0.25
CA ASN B 167 -19.82 -11.08 0.88
C ASN B 167 -20.42 -9.72 1.27
N GLY B 168 -21.46 -9.29 0.52
CA GLY B 168 -22.19 -8.04 0.76
C GLY B 168 -21.86 -6.89 -0.18
N SER B 169 -20.83 -7.06 -1.03
CA SER B 169 -20.34 -6.01 -1.95
C SER B 169 -21.43 -5.15 -2.61
N HIS B 170 -22.55 -5.77 -2.98
CA HIS B 170 -23.72 -5.06 -3.53
C HIS B 170 -24.44 -4.05 -2.59
N THR B 171 -24.02 -3.96 -1.32
CA THR B 171 -24.57 -2.98 -0.38
C THR B 171 -23.70 -1.71 -0.25
N ILE B 172 -22.54 -1.74 -0.92
CA ILE B 172 -21.57 -0.66 -0.90
C ILE B 172 -21.91 0.29 -2.07
N ARG B 173 -22.02 1.59 -1.77
CA ARG B 173 -22.38 2.59 -2.80
C ARG B 173 -21.15 2.96 -3.57
N ASP B 174 -21.35 3.25 -4.86
CA ASP B 174 -20.31 3.86 -5.68
C ASP B 174 -20.40 5.38 -5.43
N LEU B 175 -19.87 5.82 -4.28
CA LEU B 175 -20.01 7.22 -3.89
C LEU B 175 -19.09 8.14 -4.71
N LYS B 176 -19.71 9.14 -5.30
CA LYS B 176 -19.02 10.16 -6.04
C LYS B 176 -19.28 11.46 -5.29
N TYR B 177 -18.20 12.10 -4.86
CA TYR B 177 -18.26 13.38 -4.17
C TYR B 177 -18.17 14.60 -5.12
N THR B 178 -17.91 14.38 -6.41
CA THR B 178 -17.98 15.47 -7.41
C THR B 178 -18.57 14.97 -8.73
N ILE B 179 -19.48 15.75 -9.29
CA ILE B 179 -19.98 15.50 -10.64
C ILE B 179 -18.89 15.98 -11.60
N GLU B 180 -18.55 15.14 -12.57
CA GLU B 180 -17.43 15.42 -13.47
C GLU B 180 -17.64 16.70 -14.27
N ASN B 181 -18.78 16.78 -14.95
CA ASN B 181 -19.21 17.97 -15.69
C ASN B 181 -20.64 18.35 -15.28
N PRO B 182 -20.78 19.32 -14.35
CA PRO B 182 -22.11 19.71 -13.86
C PRO B 182 -23.10 20.13 -14.94
N ARG B 183 -22.64 20.90 -15.94
CA ARG B 183 -23.51 21.37 -17.01
C ARG B 183 -24.15 20.19 -17.73
N HIS B 184 -23.31 19.27 -18.23
CA HIS B 184 -23.81 18.09 -18.93
C HIS B 184 -24.73 17.28 -18.05
N PHE B 185 -24.31 17.08 -16.79
CA PHE B 185 -25.07 16.31 -15.80
C PHE B 185 -26.45 16.91 -15.49
N VAL B 186 -26.50 18.23 -15.33
CA VAL B 186 -27.77 18.96 -15.17
C VAL B 186 -28.63 18.88 -16.44
N ASP B 187 -28.01 18.99 -17.63
CA ASP B 187 -28.73 18.86 -18.91
C ASP B 187 -29.30 17.45 -19.11
N SER B 188 -28.48 16.43 -18.76
CA SER B 188 -28.82 15.01 -18.91
C SER B 188 -30.19 14.62 -18.36
N HIS B 189 -30.56 15.24 -17.23
CA HIS B 189 -31.84 14.95 -16.57
C HIS B 189 -32.99 15.81 -17.08
N HIS B 190 -32.69 16.83 -17.89
CA HIS B 190 -33.70 17.65 -18.59
C HIS B 190 -34.70 18.36 -17.66
N GLN B 191 -34.21 18.75 -16.47
CA GLN B 191 -35.06 19.29 -15.38
C GLN B 191 -36.25 18.35 -15.02
N LYS B 192 -36.01 17.04 -15.08
CA LYS B 192 -36.98 16.04 -14.66
C LYS B 192 -36.57 15.58 -13.26
N PRO B 193 -37.53 15.51 -12.30
CA PRO B 193 -37.14 15.36 -10.88
C PRO B 193 -36.28 14.15 -10.59
N VAL B 194 -35.14 14.39 -9.96
CA VAL B 194 -34.22 13.33 -9.55
C VAL B 194 -34.56 12.99 -8.12
N ASN B 195 -34.88 11.71 -7.87
CA ASN B 195 -35.06 11.22 -6.49
C ASN B 195 -33.81 11.48 -5.68
N ALA B 196 -33.97 11.79 -4.40
CA ALA B 196 -32.85 12.21 -3.56
C ALA B 196 -33.16 12.12 -2.09
N ILE B 197 -32.12 11.95 -1.28
CA ILE B 197 -32.22 12.06 0.17
C ILE B 197 -31.42 13.30 0.60
N ILE B 198 -31.96 14.09 1.54
CA ILE B 198 -31.29 15.28 2.07
C ILE B 198 -30.42 14.80 3.24
N GLU B 199 -29.12 15.06 3.20
CA GLU B 199 -28.18 14.50 4.18
C GLU B 199 -27.69 15.50 5.19
N HIS B 200 -27.80 16.80 4.87
CA HIS B 200 -27.30 17.89 5.73
C HIS B 200 -27.86 19.22 5.23
N VAL B 201 -28.13 20.12 6.17
CA VAL B 201 -28.62 21.47 5.88
C VAL B 201 -27.59 22.47 6.44
N ARG B 202 -26.78 23.10 5.57
CA ARG B 202 -25.75 24.07 6.00
C ARG B 202 -26.41 25.32 6.57
N ASP B 203 -27.30 25.88 5.75
CA ASP B 203 -28.19 26.95 6.17
C ASP B 203 -29.56 26.70 5.54
N GLY B 204 -30.53 27.55 5.88
CA GLY B 204 -31.91 27.37 5.46
C GLY B 204 -32.19 27.17 3.98
N SER B 205 -31.27 27.64 3.11
CA SER B 205 -31.46 27.51 1.67
C SER B 205 -30.37 26.77 0.89
N VAL B 206 -29.36 26.19 1.57
CA VAL B 206 -28.46 25.22 0.89
C VAL B 206 -28.32 23.92 1.67
N VAL B 207 -28.30 22.82 0.93
CA VAL B 207 -28.34 21.45 1.48
C VAL B 207 -27.26 20.57 0.84
N ARG B 208 -26.94 19.48 1.53
CA ARG B 208 -26.18 18.38 0.93
C ARG B 208 -27.22 17.31 0.67
N ALA B 209 -27.24 16.80 -0.56
CA ALA B 209 -28.26 15.85 -0.98
C ALA B 209 -27.62 14.69 -1.74
N LEU B 210 -28.08 13.48 -1.42
CA LEU B 210 -27.63 12.24 -2.04
C LEU B 210 -28.54 11.91 -3.23
N LEU B 211 -28.02 12.03 -4.45
CA LEU B 211 -28.80 11.80 -5.68
C LEU B 211 -28.83 10.33 -6.05
N LEU B 212 -30.05 9.82 -6.28
CA LEU B 212 -30.32 8.42 -6.61
C LEU B 212 -30.75 8.33 -8.09
N PRO B 213 -30.46 7.25 -8.79
CA PRO B 213 -29.81 6.02 -8.28
C PRO B 213 -28.25 6.00 -8.36
N ASP B 214 -27.60 7.14 -8.61
CA ASP B 214 -26.16 7.20 -8.87
C ASP B 214 -25.27 7.31 -7.63
N TYR B 215 -25.83 7.85 -6.55
CA TYR B 215 -25.10 8.20 -5.30
C TYR B 215 -24.06 9.30 -5.47
N TYR B 216 -24.42 10.36 -6.19
CA TYR B 216 -23.66 11.60 -6.17
C TYR B 216 -24.11 12.37 -4.96
N LEU B 217 -23.16 12.62 -4.04
CA LEU B 217 -23.36 13.50 -2.86
C LEU B 217 -22.86 14.92 -3.19
N VAL B 218 -23.81 15.84 -3.36
CA VAL B 218 -23.54 17.17 -3.89
C VAL B 218 -24.27 18.24 -3.07
N THR B 219 -23.78 19.46 -3.19
CA THR B 219 -24.38 20.60 -2.52
C THR B 219 -25.44 21.17 -3.47
N VAL B 220 -26.62 21.46 -2.93
CA VAL B 220 -27.72 22.04 -3.70
C VAL B 220 -28.16 23.33 -3.02
N MET B 221 -28.09 24.46 -3.74
CA MET B 221 -28.69 25.70 -3.28
C MET B 221 -30.07 25.84 -3.89
N LEU B 222 -31.01 26.42 -3.16
CA LEU B 222 -32.35 26.66 -3.68
C LEU B 222 -32.34 27.90 -4.59
N SER B 223 -32.74 27.70 -5.85
CA SER B 223 -32.80 28.76 -6.86
C SER B 223 -33.77 29.88 -6.44
N GLY B 224 -33.33 31.12 -6.62
CA GLY B 224 -34.19 32.28 -6.38
C GLY B 224 -34.24 32.82 -4.96
N ILE B 225 -33.67 32.09 -4.00
CA ILE B 225 -33.64 32.56 -2.60
C ILE B 225 -32.27 32.56 -1.97
N LYS B 226 -32.18 33.30 -0.86
CA LYS B 226 -31.06 33.23 0.04
C LYS B 226 -31.61 33.42 1.42
N CYS B 227 -31.38 32.44 2.28
CA CYS B 227 -31.66 32.62 3.69
C CYS B 227 -30.45 33.33 4.28
N PRO B 228 -30.59 33.88 5.51
CA PRO B 228 -29.41 34.35 6.27
C PRO B 228 -28.41 33.21 6.52
N THR B 229 -27.15 33.56 6.76
CA THR B 229 -26.06 32.60 6.78
C THR B 229 -25.28 32.61 8.08
N PHE B 230 -24.41 31.60 8.25
CA PHE B 230 -23.54 31.43 9.44
C PHE B 230 -22.09 31.85 9.18
N ARG B 231 -21.52 32.58 10.14
CA ARG B 231 -20.19 33.19 9.95
C ARG B 231 -19.42 33.33 11.27
N ARG B 232 -18.11 33.13 11.18
CA ARG B 232 -17.15 33.45 12.23
C ARG B 232 -17.52 32.90 13.62
N GLU B 233 -17.99 33.76 14.54
CA GLU B 233 -18.46 33.34 15.88
C GLU B 233 -19.84 33.95 16.13
N THR B 234 -20.52 34.35 15.04
CA THR B 234 -21.72 35.16 15.13
C THR B 234 -22.46 35.20 13.76
N PRO B 235 -23.62 34.50 13.64
CA PRO B 235 -24.37 34.41 12.38
C PRO B 235 -25.36 35.58 12.18
N GLU B 236 -25.86 35.73 10.95
CA GLU B 236 -26.87 36.77 10.66
C GLU B 236 -28.18 36.48 11.43
N PRO B 237 -29.04 37.51 11.61
CA PRO B 237 -30.32 37.23 12.29
C PRO B 237 -31.19 36.21 11.53
N PHE B 238 -31.88 35.35 12.30
CA PHE B 238 -32.72 34.25 11.77
C PHE B 238 -31.99 33.16 10.98
N ALA B 239 -30.67 33.08 11.08
CA ALA B 239 -29.94 32.08 10.29
C ALA B 239 -30.11 30.70 10.93
N ALA B 240 -29.99 30.62 12.26
CA ALA B 240 -30.22 29.36 12.97
C ALA B 240 -31.67 28.96 12.90
N GLU B 241 -32.53 29.97 12.86
CA GLU B 241 -33.96 29.79 12.72
C GLU B 241 -34.26 29.14 11.38
N ALA B 242 -33.75 29.71 10.29
CA ALA B 242 -34.00 29.17 8.94
C ALA B 242 -33.36 27.78 8.74
N LYS B 243 -32.19 27.58 9.34
CA LYS B 243 -31.53 26.29 9.31
C LYS B 243 -32.48 25.27 9.96
N PHE B 244 -32.86 25.50 11.21
CA PHE B 244 -33.83 24.64 11.89
C PHE B 244 -35.12 24.41 11.12
N PHE B 245 -35.65 25.47 10.48
CA PHE B 245 -36.88 25.40 9.69
C PHE B 245 -36.76 24.32 8.60
N THR B 246 -35.80 24.50 7.69
CA THR B 246 -35.56 23.57 6.58
C THR B 246 -35.08 22.19 7.09
N GLU B 247 -34.28 22.21 8.14
CA GLU B 247 -33.72 20.98 8.74
C GLU B 247 -34.81 20.09 9.42
N SER B 248 -35.75 20.69 10.15
CA SER B 248 -36.83 19.92 10.81
C SER B 248 -37.86 19.31 9.82
N ARG B 249 -38.04 19.97 8.67
CA ARG B 249 -38.95 19.49 7.62
C ARG B 249 -38.30 18.52 6.64
N LEU B 250 -36.98 18.67 6.40
CA LEU B 250 -36.32 17.91 5.30
C LEU B 250 -35.11 17.06 5.63
N LEU B 251 -34.40 17.28 6.75
CA LEU B 251 -33.26 16.41 7.08
C LEU B 251 -33.63 14.90 7.08
N GLN B 252 -32.81 14.11 6.36
CA GLN B 252 -32.98 12.66 6.17
C GLN B 252 -34.39 12.25 5.73
N ARG B 253 -34.93 13.00 4.78
CA ARG B 253 -36.16 12.65 4.08
C ARG B 253 -35.89 12.33 2.63
N ASP B 254 -36.66 11.40 2.11
CA ASP B 254 -36.67 11.13 0.68
C ASP B 254 -37.34 12.33 0.05
N VAL B 255 -36.76 12.83 -1.02
CA VAL B 255 -37.35 13.95 -1.76
C VAL B 255 -37.06 13.74 -3.25
N GLN B 256 -37.60 14.62 -4.09
CA GLN B 256 -37.18 14.74 -5.47
C GLN B 256 -36.62 16.13 -5.66
N ILE B 257 -35.63 16.28 -6.52
CA ILE B 257 -34.99 17.60 -6.73
C ILE B 257 -34.93 17.89 -8.21
N ILE B 258 -35.43 19.05 -8.62
CA ILE B 258 -35.28 19.52 -10.00
C ILE B 258 -33.93 20.20 -10.10
N LEU B 259 -33.02 19.60 -10.86
CA LEU B 259 -31.70 20.18 -11.07
C LEU B 259 -31.84 21.28 -12.14
N GLU B 260 -31.80 22.53 -11.70
CA GLU B 260 -32.18 23.71 -12.54
C GLU B 260 -31.01 24.43 -13.19
N SER B 261 -29.85 24.44 -12.51
CA SER B 261 -28.58 24.96 -13.06
C SER B 261 -27.42 24.56 -12.14
N CYS B 262 -26.21 25.05 -12.41
CA CYS B 262 -25.10 24.92 -11.45
C CYS B 262 -24.32 26.21 -11.30
N HIS B 263 -23.56 26.28 -10.22
CA HIS B 263 -22.66 27.39 -9.93
C HIS B 263 -21.41 26.79 -9.33
N ASN B 264 -20.42 26.54 -10.20
CA ASN B 264 -19.21 25.78 -9.85
C ASN B 264 -19.61 24.34 -9.49
N GLN B 265 -19.09 23.79 -8.39
CA GLN B 265 -19.50 22.45 -7.93
C GLN B 265 -20.92 22.39 -7.32
N ASN B 266 -21.47 23.55 -6.94
CA ASN B 266 -22.83 23.62 -6.41
C ASN B 266 -23.87 23.51 -7.51
N ILE B 267 -24.97 22.83 -7.21
CA ILE B 267 -26.09 22.69 -8.15
C ILE B 267 -27.17 23.63 -7.65
N LEU B 268 -27.69 24.44 -8.55
CA LEU B 268 -28.89 25.23 -8.27
C LEU B 268 -30.08 24.29 -8.51
N GLY B 269 -31.11 24.38 -7.67
CA GLY B 269 -32.22 23.46 -7.79
C GLY B 269 -33.36 23.68 -6.82
N THR B 270 -34.40 22.84 -6.95
CA THR B 270 -35.65 22.99 -6.23
C THR B 270 -36.11 21.64 -5.70
N ILE B 271 -36.37 21.58 -4.39
CA ILE B 271 -36.81 20.35 -3.73
C ILE B 271 -38.34 20.18 -3.78
N LEU B 272 -38.79 19.02 -4.23
CA LEU B 272 -40.20 18.61 -4.20
C LEU B 272 -40.41 17.64 -3.04
N HIS B 273 -41.45 17.89 -2.25
CA HIS B 273 -41.91 16.95 -1.21
C HIS B 273 -43.43 17.09 -1.15
N PRO B 274 -44.18 16.01 -0.79
CA PRO B 274 -45.64 16.12 -0.70
C PRO B 274 -46.15 17.33 0.07
N ASN B 275 -45.60 17.56 1.26
CA ASN B 275 -46.05 18.61 2.18
C ASN B 275 -45.84 20.06 1.68
N GLY B 276 -45.03 20.24 0.64
CA GLY B 276 -44.92 21.55 -0.03
C GLY B 276 -43.58 21.84 -0.67
N ASN B 277 -43.50 23.08 -1.19
CA ASN B 277 -42.29 23.64 -1.81
C ASN B 277 -41.49 24.47 -0.78
N ILE B 278 -40.38 23.92 -0.26
CA ILE B 278 -39.57 24.59 0.78
C ILE B 278 -39.05 26.01 0.41
N THR B 279 -38.68 26.20 -0.85
CA THR B 279 -38.35 27.52 -1.38
C THR B 279 -39.53 28.49 -1.19
N GLU B 280 -40.73 28.00 -1.53
CA GLU B 280 -42.00 28.78 -1.45
C GLU B 280 -42.40 29.12 -0.01
N LEU B 281 -42.33 28.14 0.88
CA LEU B 281 -42.55 28.37 2.32
C LEU B 281 -41.57 29.34 2.98
N LEU B 282 -40.27 29.07 2.82
CA LEU B 282 -39.20 29.85 3.48
C LEU B 282 -39.42 31.35 3.30
N LEU B 283 -39.77 31.75 2.06
CA LEU B 283 -40.16 33.13 1.76
C LEU B 283 -41.47 33.55 2.45
N LYS B 284 -42.54 32.75 2.32
CA LYS B 284 -43.84 33.13 2.92
C LYS B 284 -43.84 33.19 4.46
N GLU B 285 -42.87 32.51 5.09
CA GLU B 285 -42.67 32.58 6.56
C GLU B 285 -41.55 33.54 6.97
N GLY B 286 -41.06 34.35 6.03
CA GLY B 286 -40.01 35.33 6.33
C GLY B 286 -38.69 34.76 6.82
N PHE B 287 -38.21 33.73 6.15
CA PHE B 287 -36.88 33.15 6.40
C PHE B 287 -35.94 33.25 5.21
N ALA B 288 -36.33 33.98 4.16
CA ALA B 288 -35.53 34.08 2.93
C ALA B 288 -35.92 35.30 2.08
N ARG B 289 -34.99 35.73 1.23
CA ARG B 289 -35.19 36.86 0.32
C ARG B 289 -34.97 36.40 -1.10
N CYS B 290 -35.72 36.98 -2.05
CA CYS B 290 -35.48 36.69 -3.47
C CYS B 290 -34.13 37.24 -3.91
N VAL B 291 -33.46 36.51 -4.80
CA VAL B 291 -32.18 36.93 -5.37
C VAL B 291 -32.24 36.88 -6.90
N ASP B 292 -31.65 37.89 -7.55
CA ASP B 292 -31.90 38.20 -8.97
C ASP B 292 -31.17 37.28 -9.96
N TRP B 293 -29.90 36.99 -9.69
CA TRP B 293 -29.10 36.08 -10.54
C TRP B 293 -29.78 34.71 -10.76
N SER B 294 -30.23 34.09 -9.67
CA SER B 294 -30.71 32.71 -9.72
C SER B 294 -32.22 32.56 -9.86
N ILE B 295 -32.99 33.64 -9.91
CA ILE B 295 -34.47 33.52 -10.07
C ILE B 295 -34.91 33.04 -11.47
N ALA B 296 -34.09 33.26 -12.49
CA ALA B 296 -34.42 32.88 -13.88
C ALA B 296 -34.46 31.37 -14.14
N VAL B 297 -33.61 30.62 -13.45
CA VAL B 297 -33.60 29.16 -13.60
C VAL B 297 -34.69 28.43 -12.80
N TYR B 298 -35.34 29.13 -11.86
CA TYR B 298 -36.45 28.55 -11.08
C TYR B 298 -37.58 28.04 -11.97
N THR B 299 -37.61 26.74 -12.21
CA THR B 299 -38.59 26.11 -13.10
C THR B 299 -40.04 26.37 -12.70
N ARG B 300 -40.31 26.27 -11.40
CA ARG B 300 -41.68 26.39 -10.86
C ARG B 300 -42.35 27.79 -10.94
N GLY B 301 -41.64 28.80 -11.45
CA GLY B 301 -42.25 30.09 -11.79
C GLY B 301 -41.80 31.23 -10.91
N ALA B 302 -40.97 32.12 -11.47
CA ALA B 302 -40.41 33.27 -10.75
C ALA B 302 -41.44 34.29 -10.22
N GLU B 303 -42.63 34.31 -10.83
CA GLU B 303 -43.78 35.12 -10.37
C GLU B 303 -44.20 34.78 -8.95
N LYS B 304 -44.15 33.49 -8.60
CA LYS B 304 -44.66 32.99 -7.33
C LYS B 304 -43.71 33.20 -6.12
N LEU B 305 -42.40 33.29 -6.38
CA LEU B 305 -41.40 33.59 -5.33
C LEU B 305 -41.46 35.06 -4.95
N ARG B 306 -41.50 35.91 -5.97
CA ARG B 306 -41.75 37.35 -5.81
C ARG B 306 -43.03 37.66 -5.01
N ALA B 307 -44.08 36.85 -5.22
CA ALA B 307 -45.38 36.99 -4.54
C ALA B 307 -45.36 36.55 -3.07
N ALA B 308 -44.70 35.42 -2.78
CA ALA B 308 -44.57 34.94 -1.39
C ALA B 308 -43.60 35.80 -0.53
N GLU B 309 -42.60 36.44 -1.15
CA GLU B 309 -41.77 37.42 -0.43
C GLU B 309 -42.66 38.55 0.07
N ARG B 310 -43.47 39.07 -0.84
CA ARG B 310 -44.43 40.16 -0.55
C ARG B 310 -45.43 39.81 0.56
N PHE B 311 -45.87 38.55 0.59
CA PHE B 311 -46.76 38.06 1.65
C PHE B 311 -46.16 38.25 3.05
N ALA B 312 -44.88 37.92 3.20
CA ALA B 312 -44.17 38.01 4.49
C ALA B 312 -43.76 39.45 4.80
N LYS B 313 -43.36 40.20 3.77
CA LYS B 313 -43.13 41.64 3.86
C LYS B 313 -44.34 42.37 4.44
N GLU B 314 -45.51 42.14 3.84
CA GLU B 314 -46.72 42.88 4.18
C GLU B 314 -47.21 42.56 5.58
N ARG B 315 -47.00 41.33 6.01
CA ARG B 315 -47.22 40.92 7.42
C ARG B 315 -46.06 41.24 8.36
N ARG B 316 -45.01 41.95 7.90
CA ARG B 316 -43.90 42.42 8.75
C ARG B 316 -43.24 41.24 9.48
N LEU B 317 -43.03 40.14 8.75
CA LEU B 317 -42.68 38.83 9.34
C LEU B 317 -41.18 38.60 9.44
N ARG B 318 -40.69 38.40 10.68
CA ARG B 318 -39.31 37.94 10.98
C ARG B 318 -38.18 38.83 10.40
N ILE B 319 -37.58 38.44 9.27
CA ILE B 319 -36.59 39.30 8.60
C ILE B 319 -37.18 40.66 8.19
N TRP B 320 -38.51 40.73 8.07
CA TRP B 320 -39.25 41.94 7.74
C TRP B 320 -39.86 42.70 8.93
N ARG B 321 -39.33 42.48 10.14
CA ARG B 321 -39.63 43.33 11.32
C ARG B 321 -38.35 44.02 11.80
N PRO C 22 0.69 -30.95 -7.11
CA PRO C 22 0.83 -30.06 -8.28
C PRO C 22 1.95 -29.02 -8.10
N THR C 23 2.90 -29.00 -9.03
CA THR C 23 3.98 -27.98 -9.04
C THR C 23 3.38 -26.60 -9.42
N VAL C 24 2.95 -25.83 -8.42
CA VAL C 24 2.22 -24.56 -8.64
C VAL C 24 3.15 -23.48 -9.21
N GLN C 25 2.64 -22.69 -10.16
CA GLN C 25 3.41 -21.66 -10.87
C GLN C 25 2.59 -20.37 -11.03
N ARG C 26 3.26 -19.24 -11.16
CA ARG C 26 2.58 -17.95 -11.38
C ARG C 26 2.69 -17.49 -12.83
N GLY C 27 1.86 -16.52 -13.22
CA GLY C 27 1.87 -15.97 -14.58
C GLY C 27 0.89 -14.85 -14.84
N ILE C 28 0.94 -14.31 -16.06
CA ILE C 28 -0.01 -13.30 -16.52
C ILE C 28 -0.70 -13.78 -17.81
N ILE C 29 -2.00 -13.53 -17.88
CA ILE C 29 -2.83 -14.04 -18.96
C ILE C 29 -2.43 -13.24 -20.19
N LYS C 30 -1.90 -13.93 -21.20
CA LYS C 30 -1.61 -13.31 -22.51
C LYS C 30 -2.85 -13.29 -23.34
N MET C 31 -3.50 -14.43 -23.46
CA MET C 31 -4.74 -14.55 -24.22
C MET C 31 -5.51 -15.82 -23.95
N VAL C 32 -6.78 -15.78 -24.35
CA VAL C 32 -7.69 -16.90 -24.35
C VAL C 32 -7.86 -17.39 -25.80
N LEU C 33 -7.56 -18.66 -26.06
CA LEU C 33 -7.62 -19.24 -27.42
C LEU C 33 -8.94 -19.94 -27.76
N SER C 34 -9.00 -20.49 -28.97
CA SER C 34 -10.08 -21.39 -29.37
C SER C 34 -10.10 -22.65 -28.51
N GLY C 35 -11.29 -22.98 -28.01
CA GLY C 35 -11.47 -24.09 -27.08
C GLY C 35 -11.12 -23.69 -25.65
N CYS C 36 -11.06 -22.38 -25.43
CA CYS C 36 -10.62 -21.80 -24.16
C CYS C 36 -9.33 -22.37 -23.55
N ALA C 37 -8.41 -22.82 -24.40
CA ALA C 37 -7.03 -22.99 -24.02
C ALA C 37 -6.45 -21.59 -23.78
N ILE C 38 -5.52 -21.50 -22.83
CA ILE C 38 -5.05 -20.24 -22.29
C ILE C 38 -3.57 -20.09 -22.61
N ILE C 39 -3.15 -18.89 -22.97
CA ILE C 39 -1.72 -18.58 -23.08
C ILE C 39 -1.33 -17.70 -21.89
N VAL C 40 -0.30 -18.14 -21.16
CA VAL C 40 0.12 -17.50 -19.92
C VAL C 40 1.57 -17.13 -20.11
N ARG C 41 1.95 -15.91 -19.74
CA ARG C 41 3.34 -15.47 -19.92
C ARG C 41 3.99 -14.93 -18.65
N GLY C 42 5.29 -15.13 -18.54
CA GLY C 42 6.06 -14.58 -17.43
C GLY C 42 6.40 -13.12 -17.64
N GLN C 43 7.22 -12.58 -16.72
CA GLN C 43 7.79 -11.24 -16.83
C GLN C 43 9.04 -11.32 -17.70
N PRO C 44 9.24 -10.34 -18.59
CA PRO C 44 10.40 -10.39 -19.49
C PRO C 44 11.72 -10.15 -18.74
N ARG C 45 12.67 -11.07 -18.89
CA ARG C 45 14.00 -10.96 -18.24
C ARG C 45 15.10 -11.43 -19.21
N GLY C 46 15.68 -10.48 -19.95
CA GLY C 46 16.68 -10.77 -20.99
C GLY C 46 16.17 -10.73 -22.42
N GLY C 47 14.84 -10.80 -22.61
CA GLY C 47 14.24 -10.77 -23.96
C GLY C 47 12.71 -10.78 -23.91
N PRO C 48 12.05 -11.28 -24.98
CA PRO C 48 10.58 -11.40 -24.96
C PRO C 48 10.13 -12.43 -23.91
N PRO C 49 9.04 -12.13 -23.16
CA PRO C 49 8.72 -13.05 -22.06
C PRO C 49 8.39 -14.45 -22.57
N PRO C 50 8.68 -15.49 -21.78
CA PRO C 50 8.32 -16.86 -22.17
C PRO C 50 6.81 -17.18 -21.96
N GLU C 51 6.23 -17.95 -22.89
CA GLU C 51 4.80 -18.24 -22.93
C GLU C 51 4.49 -19.73 -22.77
N ARG C 52 3.36 -20.03 -22.09
CA ARG C 52 2.91 -21.41 -21.88
C ARG C 52 1.47 -21.55 -22.33
N GLN C 53 1.19 -22.54 -23.17
CA GLN C 53 -0.18 -22.85 -23.55
C GLN C 53 -0.70 -23.96 -22.65
N ILE C 54 -1.65 -23.60 -21.78
CA ILE C 54 -2.33 -24.54 -20.89
C ILE C 54 -3.74 -24.80 -21.42
N ASN C 55 -4.08 -26.06 -21.62
CA ASN C 55 -5.45 -26.46 -21.98
C ASN C 55 -6.22 -26.85 -20.72
N LEU C 56 -7.41 -26.29 -20.53
CA LEU C 56 -8.17 -26.50 -19.30
C LEU C 56 -8.61 -27.94 -19.19
N SER C 57 -8.27 -28.56 -18.05
CA SER C 57 -8.09 -30.02 -17.97
C SER C 57 -9.31 -30.90 -18.14
N ASN C 58 -10.34 -30.68 -17.33
CA ASN C 58 -11.47 -31.64 -17.31
C ASN C 58 -12.63 -31.24 -18.22
N ILE C 59 -12.44 -30.21 -19.05
CA ILE C 59 -13.57 -29.52 -19.67
C ILE C 59 -13.44 -29.34 -21.19
N ARG C 60 -14.60 -29.17 -21.84
CA ARG C 60 -14.73 -28.98 -23.28
C ARG C 60 -15.46 -27.66 -23.54
N ALA C 61 -14.91 -26.82 -24.41
CA ALA C 61 -15.60 -25.62 -24.90
C ALA C 61 -15.62 -25.62 -26.40
N GLY C 62 -16.53 -24.83 -26.97
CA GLY C 62 -16.63 -24.73 -28.44
C GLY C 62 -15.36 -24.20 -29.12
N ASN C 63 -15.02 -24.79 -30.26
CA ASN C 63 -13.99 -24.28 -31.15
C ASN C 63 -14.50 -23.02 -31.88
N LEU C 64 -13.66 -21.96 -31.94
CA LEU C 64 -14.02 -20.73 -32.64
C LEU C 64 -13.95 -20.93 -34.15
N ALA C 65 -14.46 -19.93 -34.88
CA ALA C 65 -14.32 -19.87 -36.32
C ALA C 65 -12.84 -19.95 -36.73
N ARG C 66 -12.58 -20.63 -37.84
CA ARG C 66 -11.24 -20.83 -38.36
C ARG C 66 -11.37 -20.95 -39.87
N ARG C 67 -10.25 -21.16 -40.53
CA ARG C 67 -10.25 -21.34 -41.96
C ARG C 67 -8.94 -21.95 -42.44
N ALA C 68 -9.05 -22.72 -43.54
CA ALA C 68 -7.87 -23.30 -44.20
C ALA C 68 -8.26 -23.64 -45.65
N ALA C 69 -8.68 -24.89 -45.93
CA ALA C 69 -9.20 -25.29 -47.25
C ALA C 69 -10.50 -24.56 -47.51
N LYS C 70 -11.38 -24.55 -46.49
CA LYS C 70 -12.57 -23.69 -46.47
C LYS C 70 -12.75 -22.98 -45.13
N ASP C 71 -13.68 -22.02 -45.15
CA ASP C 71 -14.13 -21.32 -43.93
C ASP C 71 -15.03 -22.27 -43.15
N THR C 72 -14.72 -22.46 -41.86
CA THR C 72 -15.62 -23.19 -40.97
C THR C 72 -16.07 -22.18 -39.89
N PRO C 73 -17.35 -22.25 -39.48
CA PRO C 73 -17.87 -21.21 -38.59
C PRO C 73 -17.64 -21.57 -37.15
N ASP C 74 -17.99 -20.64 -36.25
CA ASP C 74 -18.01 -20.93 -34.81
C ASP C 74 -18.90 -22.12 -34.55
N GLU C 75 -18.50 -22.96 -33.59
CA GLU C 75 -19.44 -23.89 -32.97
C GLU C 75 -20.35 -23.04 -32.10
N PRO C 76 -21.55 -23.57 -31.76
CA PRO C 76 -22.42 -22.84 -30.83
C PRO C 76 -21.80 -22.74 -29.43
N TRP C 77 -21.90 -21.56 -28.83
CA TRP C 77 -21.33 -21.25 -27.49
C TRP C 77 -19.78 -21.18 -27.43
N ALA C 78 -19.11 -21.24 -28.59
CA ALA C 78 -17.65 -21.15 -28.64
C ALA C 78 -17.23 -19.72 -28.33
N PHE C 79 -17.84 -18.77 -29.02
CA PHE C 79 -17.50 -17.36 -28.88
C PHE C 79 -17.93 -16.75 -27.54
N PRO C 80 -19.19 -16.99 -27.09
CA PRO C 80 -19.57 -16.50 -25.73
C PRO C 80 -18.68 -17.00 -24.58
N ALA C 81 -18.17 -18.23 -24.70
CA ALA C 81 -17.18 -18.77 -23.77
C ALA C 81 -15.85 -18.01 -23.82
N ARG C 82 -15.38 -17.72 -25.04
CA ARG C 82 -14.12 -16.99 -25.21
C ARG C 82 -14.26 -15.65 -24.51
N GLU C 83 -15.33 -14.96 -24.85
CA GLU C 83 -15.56 -13.62 -24.32
C GLU C 83 -15.63 -13.58 -22.80
N PHE C 84 -16.34 -14.53 -22.22
CA PHE C 84 -16.45 -14.64 -20.78
C PHE C 84 -15.07 -14.64 -20.14
N LEU C 85 -14.20 -15.55 -20.60
CA LEU C 85 -12.87 -15.67 -20.02
C LEU C 85 -11.94 -14.55 -20.40
N ARG C 86 -12.02 -14.10 -21.65
CA ARG C 86 -11.26 -12.93 -22.06
C ARG C 86 -11.58 -11.75 -21.12
N LYS C 87 -12.86 -11.38 -21.01
CA LYS C 87 -13.22 -10.19 -20.21
C LYS C 87 -12.85 -10.29 -18.71
N LYS C 88 -12.78 -11.52 -18.18
CA LYS C 88 -12.35 -11.76 -16.80
C LYS C 88 -10.85 -11.77 -16.60
N LEU C 89 -10.09 -12.17 -17.62
CA LEU C 89 -8.71 -12.61 -17.42
C LEU C 89 -7.58 -11.81 -18.05
N ILE C 90 -7.84 -11.10 -19.14
CA ILE C 90 -6.74 -10.52 -19.92
C ILE C 90 -5.93 -9.56 -19.06
N GLY C 91 -4.68 -9.93 -18.83
CA GLY C 91 -3.77 -9.14 -18.01
C GLY C 91 -3.92 -9.24 -16.50
N LYS C 92 -4.63 -10.26 -16.01
CA LYS C 92 -4.67 -10.57 -14.59
C LYS C 92 -3.44 -11.43 -14.27
N GLU C 93 -3.05 -11.41 -13.01
CA GLU C 93 -2.04 -12.31 -12.51
C GLU C 93 -2.82 -13.56 -12.13
N VAL C 94 -2.39 -14.72 -12.63
CA VAL C 94 -2.99 -16.00 -12.27
C VAL C 94 -1.95 -16.95 -11.70
N CYS C 95 -2.42 -18.11 -11.21
CA CYS C 95 -1.54 -19.23 -10.91
C CYS C 95 -2.13 -20.54 -11.47
N PHE C 96 -1.25 -21.49 -11.76
CA PHE C 96 -1.61 -22.66 -12.56
C PHE C 96 -0.78 -23.91 -12.26
N THR C 97 -1.43 -25.06 -12.44
CA THR C 97 -0.84 -26.38 -12.21
C THR C 97 -0.90 -27.16 -13.51
N ILE C 98 0.03 -28.10 -13.69
CA ILE C 98 0.12 -28.93 -14.89
C ILE C 98 -0.29 -30.36 -14.58
N GLU C 99 -1.57 -30.68 -14.72
CA GLU C 99 -2.10 -32.00 -14.36
C GLU C 99 -1.50 -33.14 -15.20
N ASN C 100 -1.08 -32.87 -16.44
CA ASN C 100 -0.49 -33.90 -17.31
C ASN C 100 0.20 -33.25 -18.52
N LYS C 101 1.02 -34.02 -19.24
CA LYS C 101 1.63 -33.57 -20.49
C LYS C 101 1.55 -34.67 -21.57
N THR C 102 0.82 -34.39 -22.65
CA THR C 102 0.57 -35.36 -23.73
C THR C 102 1.67 -35.33 -24.78
N PRO C 103 1.87 -36.45 -25.52
CA PRO C 103 2.99 -36.55 -26.47
C PRO C 103 2.67 -35.89 -27.83
N GLY C 105 3.32 -31.62 -27.98
CA GLY C 105 3.90 -31.10 -26.72
C GLY C 105 2.93 -30.28 -25.88
N ARG C 106 1.69 -30.75 -25.83
CA ARG C 106 0.59 -30.01 -25.19
C ARG C 106 0.55 -30.28 -23.69
N GLU C 107 0.22 -29.24 -22.93
CA GLU C 107 0.14 -29.32 -21.46
C GLU C 107 -1.32 -29.12 -21.03
N TYR C 108 -1.77 -29.97 -20.12
CA TYR C 108 -3.13 -29.89 -19.54
C TYR C 108 -3.05 -29.47 -18.08
N GLY C 109 -3.98 -28.63 -17.65
CA GLY C 109 -3.94 -28.08 -16.30
C GLY C 109 -5.11 -27.24 -15.81
N MET C 110 -4.92 -26.64 -14.65
CA MET C 110 -5.90 -25.77 -14.03
C MET C 110 -5.26 -24.41 -13.89
N ILE C 111 -6.09 -23.37 -13.88
CA ILE C 111 -5.67 -21.97 -13.76
C ILE C 111 -6.59 -21.31 -12.72
N TYR C 112 -6.04 -20.57 -11.77
CA TYR C 112 -6.86 -19.94 -10.72
C TYR C 112 -6.66 -18.44 -10.70
N LEU C 113 -7.74 -17.67 -10.76
CA LEU C 113 -7.63 -16.22 -10.73
C LEU C 113 -7.14 -15.83 -9.34
N GLY C 114 -5.92 -15.30 -9.27
CA GLY C 114 -5.30 -14.88 -8.01
C GLY C 114 -3.97 -15.59 -7.73
N LYS C 115 -3.28 -15.13 -6.69
CA LYS C 115 -1.93 -15.61 -6.36
C LYS C 115 -1.84 -17.02 -5.75
N ASP C 116 -2.95 -17.53 -5.22
CA ASP C 116 -2.97 -18.86 -4.58
C ASP C 116 -4.01 -19.80 -5.17
N THR C 117 -3.82 -21.09 -4.93
CA THR C 117 -4.59 -22.16 -5.58
C THR C 117 -5.97 -22.46 -4.98
N ASN C 118 -6.35 -21.78 -3.90
CA ASN C 118 -7.70 -21.91 -3.35
C ASN C 118 -8.67 -20.86 -3.92
N GLY C 119 -8.18 -19.97 -4.79
CA GLY C 119 -9.04 -18.98 -5.48
C GLY C 119 -9.91 -19.54 -6.61
N GLU C 120 -10.50 -18.61 -7.39
CA GLU C 120 -11.46 -18.97 -8.43
C GLU C 120 -10.82 -19.83 -9.51
N ASN C 121 -11.23 -21.10 -9.55
CA ASN C 121 -10.89 -22.02 -10.64
C ASN C 121 -11.71 -21.63 -11.88
N ILE C 122 -11.01 -21.30 -12.94
CA ILE C 122 -11.62 -20.68 -14.12
C ILE C 122 -12.51 -21.68 -14.86
N ALA C 123 -12.09 -22.96 -14.89
CA ALA C 123 -12.91 -24.00 -15.50
C ALA C 123 -14.25 -24.15 -14.77
N GLU C 124 -14.24 -23.97 -13.45
CA GLU C 124 -15.46 -24.03 -12.65
C GLU C 124 -16.36 -22.85 -12.95
N SER C 125 -15.79 -21.67 -13.04
CA SER C 125 -16.52 -20.51 -13.54
C SER C 125 -17.06 -20.73 -14.97
N LEU C 126 -16.26 -21.36 -15.84
CA LEU C 126 -16.70 -21.64 -17.23
C LEU C 126 -17.92 -22.55 -17.28
N VAL C 127 -17.76 -23.70 -16.65
CA VAL C 127 -18.79 -24.71 -16.67
C VAL C 127 -20.08 -24.19 -16.00
N ALA C 128 -19.92 -23.31 -14.99
CA ALA C 128 -21.06 -22.79 -14.24
C ALA C 128 -21.97 -21.87 -15.05
N GLU C 129 -21.42 -21.18 -16.05
CA GLU C 129 -22.23 -20.34 -16.95
C GLU C 129 -22.90 -21.12 -18.08
N GLY C 130 -22.65 -22.43 -18.14
CA GLY C 130 -23.13 -23.26 -19.25
C GLY C 130 -22.32 -23.07 -20.51
N LEU C 131 -21.09 -22.60 -20.35
CA LEU C 131 -20.21 -22.31 -21.47
C LEU C 131 -19.19 -23.41 -21.68
N ALA C 132 -19.16 -24.40 -20.78
CA ALA C 132 -18.35 -25.59 -21.01
C ALA C 132 -18.96 -26.80 -20.31
N THR C 133 -18.57 -27.99 -20.76
CA THR C 133 -18.99 -29.24 -20.13
C THR C 133 -17.80 -30.17 -19.94
N ARG C 134 -17.94 -31.14 -19.03
CA ARG C 134 -16.89 -32.12 -18.77
C ARG C 134 -16.77 -33.09 -19.93
N ARG C 135 -15.61 -33.72 -20.06
CA ARG C 135 -15.38 -34.69 -21.13
C ARG C 135 -16.02 -36.04 -20.75
N GLU C 136 -15.99 -36.99 -21.68
CA GLU C 136 -16.44 -38.35 -21.40
C GLU C 136 -15.41 -39.09 -20.55
N ASN C 141 -15.38 -39.86 -8.41
CA ASN C 141 -14.07 -39.49 -8.88
C ASN C 141 -13.31 -38.85 -7.70
N ASN C 142 -13.38 -37.53 -7.54
CA ASN C 142 -12.50 -36.78 -6.64
C ASN C 142 -13.15 -35.42 -6.27
N PRO C 143 -12.65 -34.74 -5.21
CA PRO C 143 -13.23 -33.43 -4.84
C PRO C 143 -13.26 -32.36 -5.95
N GLU C 144 -12.26 -32.36 -6.84
CA GLU C 144 -12.22 -31.40 -7.96
C GLU C 144 -13.34 -31.66 -8.96
N GLN C 145 -13.38 -32.88 -9.49
CA GLN C 145 -14.46 -33.29 -10.42
C GLN C 145 -15.87 -33.32 -9.81
N ASN C 146 -15.96 -33.34 -8.47
CA ASN C 146 -17.23 -33.14 -7.75
C ASN C 146 -17.71 -31.67 -7.83
N ARG C 147 -16.79 -30.73 -7.68
CA ARG C 147 -17.07 -29.29 -7.87
C ARG C 147 -17.64 -28.99 -9.27
N LEU C 148 -17.02 -29.58 -10.29
CA LEU C 148 -17.41 -29.40 -11.69
C LEU C 148 -18.76 -30.07 -12.06
N SER C 149 -19.04 -31.25 -11.50
CA SER C 149 -20.37 -31.85 -11.65
C SER C 149 -21.42 -30.94 -11.01
N GLU C 150 -21.10 -30.41 -9.82
CA GLU C 150 -21.95 -29.43 -9.13
C GLU C 150 -22.17 -28.18 -9.99
N CYS C 151 -21.06 -27.66 -10.54
CA CYS C 151 -21.10 -26.52 -11.44
C CYS C 151 -21.91 -26.81 -12.70
N GLU C 152 -21.78 -28.02 -13.23
CA GLU C 152 -22.55 -28.44 -14.40
C GLU C 152 -24.04 -28.58 -14.07
N GLU C 153 -24.35 -29.18 -12.92
CA GLU C 153 -25.75 -29.39 -12.51
C GLU C 153 -26.45 -28.11 -12.08
N GLN C 154 -25.70 -27.13 -11.56
CA GLN C 154 -26.24 -25.78 -11.29
C GLN C 154 -26.63 -25.07 -12.58
N ALA C 155 -25.76 -25.20 -13.59
CA ALA C 155 -25.98 -24.63 -14.92
C ALA C 155 -27.07 -25.36 -15.73
N LYS C 156 -27.12 -26.68 -15.62
CA LYS C 156 -28.17 -27.47 -16.27
C LYS C 156 -29.56 -27.26 -15.61
N ALA C 157 -29.57 -27.07 -14.28
CA ALA C 157 -30.82 -26.79 -13.55
C ALA C 157 -31.32 -25.38 -13.83
N ALA C 158 -30.43 -24.39 -13.79
CA ALA C 158 -30.78 -23.00 -14.12
C ALA C 158 -30.91 -22.71 -15.64
N LYS C 159 -30.54 -23.68 -16.47
CA LYS C 159 -30.70 -23.62 -17.92
C LYS C 159 -29.91 -22.46 -18.55
N LYS C 160 -28.67 -22.28 -18.09
CA LYS C 160 -27.75 -21.24 -18.57
C LYS C 160 -26.92 -21.73 -19.75
N GLY C 161 -26.53 -20.78 -20.61
CA GLY C 161 -25.61 -21.05 -21.73
C GLY C 161 -26.15 -22.08 -22.70
N MET C 162 -25.39 -23.14 -22.93
CA MET C 162 -25.78 -24.19 -23.87
C MET C 162 -26.90 -25.10 -23.37
N TRP C 163 -27.13 -25.10 -22.05
CA TRP C 163 -28.28 -25.80 -21.47
C TRP C 163 -29.61 -25.04 -21.71
N SER C 164 -29.52 -23.78 -22.13
CA SER C 164 -30.69 -22.96 -22.50
C SER C 164 -31.51 -23.62 -23.60
N GLU C 165 -32.81 -23.28 -23.63
CA GLU C 165 -33.77 -23.91 -24.52
C GLU C 165 -33.58 -23.36 -25.94
N GLY C 166 -32.71 -24.02 -26.69
CA GLY C 166 -32.39 -23.63 -28.06
C GLY C 166 -31.36 -24.54 -28.70
N ASN C 167 -30.98 -24.20 -29.92
CA ASN C 167 -29.89 -24.86 -30.66
C ASN C 167 -28.55 -24.12 -30.50
N GLY C 168 -28.62 -22.80 -30.28
CA GLY C 168 -27.45 -21.95 -30.06
C GLY C 168 -27.05 -21.05 -31.23
N SER C 169 -27.66 -21.28 -32.41
CA SER C 169 -27.32 -20.55 -33.65
C SER C 169 -27.01 -19.06 -33.50
N HIS C 170 -27.76 -18.39 -32.63
CA HIS C 170 -27.52 -16.97 -32.28
C HIS C 170 -26.17 -16.63 -31.58
N THR C 171 -25.35 -17.63 -31.24
CA THR C 171 -24.02 -17.42 -30.66
C THR C 171 -22.90 -17.51 -31.71
N ILE C 172 -23.27 -17.87 -32.93
CA ILE C 172 -22.33 -18.04 -34.04
C ILE C 172 -22.21 -16.68 -34.76
N ARG C 173 -20.98 -16.22 -34.98
CA ARG C 173 -20.73 -14.92 -35.63
C ARG C 173 -20.83 -15.08 -37.11
N ASP C 174 -21.34 -14.05 -37.77
CA ASP C 174 -21.28 -13.95 -39.23
C ASP C 174 -19.88 -13.37 -39.56
N LEU C 175 -18.86 -14.22 -39.48
CA LEU C 175 -17.49 -13.76 -39.70
C LEU C 175 -17.20 -13.46 -41.17
N LYS C 176 -16.72 -12.26 -41.40
CA LYS C 176 -16.30 -11.81 -42.70
C LYS C 176 -14.81 -11.52 -42.56
N TYR C 177 -14.01 -12.20 -43.37
CA TYR C 177 -12.57 -12.01 -43.41
C TYR C 177 -12.12 -10.96 -44.43
N THR C 178 -13.02 -10.40 -45.25
CA THR C 178 -12.71 -9.28 -46.13
C THR C 178 -13.87 -8.31 -46.23
N ILE C 179 -13.57 -7.02 -46.14
CA ILE C 179 -14.57 -5.98 -46.39
C ILE C 179 -14.71 -5.87 -47.90
N GLU C 180 -15.96 -5.87 -48.38
CA GLU C 180 -16.23 -5.92 -49.81
C GLU C 180 -15.65 -4.72 -50.55
N ASN C 181 -15.99 -3.52 -50.07
CA ASN C 181 -15.43 -2.27 -50.60
C ASN C 181 -14.91 -1.41 -49.42
N PRO C 182 -13.58 -1.48 -49.17
CA PRO C 182 -13.01 -0.74 -48.03
C PRO C 182 -13.30 0.76 -48.01
N ARG C 183 -13.22 1.41 -49.17
CA ARG C 183 -13.47 2.86 -49.26
C ARG C 183 -14.86 3.18 -48.73
N HIS C 184 -15.88 2.55 -49.30
CA HIS C 184 -17.26 2.78 -48.88
C HIS C 184 -17.42 2.47 -47.40
N PHE C 185 -16.87 1.34 -46.97
CA PHE C 185 -16.95 0.88 -45.58
C PHE C 185 -16.30 1.84 -44.58
N VAL C 186 -15.13 2.37 -44.93
CA VAL C 186 -14.46 3.41 -44.15
C VAL C 186 -15.27 4.73 -44.15
N ASP C 187 -15.84 5.10 -45.30
CA ASP C 187 -16.69 6.31 -45.40
C ASP C 187 -17.98 6.17 -44.58
N SER C 188 -18.59 4.99 -44.64
CA SER C 188 -19.86 4.65 -43.95
C SER C 188 -19.88 5.04 -42.48
N HIS C 189 -18.75 4.85 -41.81
CA HIS C 189 -18.64 5.16 -40.37
C HIS C 189 -18.24 6.61 -40.09
N HIS C 190 -17.86 7.37 -41.12
CA HIS C 190 -17.61 8.81 -41.03
C HIS C 190 -16.50 9.20 -40.02
N GLN C 191 -15.50 8.33 -39.89
CA GLN C 191 -14.45 8.45 -38.86
C GLN C 191 -15.03 8.59 -37.43
N LYS C 192 -16.13 7.89 -37.16
CA LYS C 192 -16.72 7.82 -35.83
C LYS C 192 -16.29 6.48 -35.22
N PRO C 193 -15.80 6.48 -33.96
CA PRO C 193 -15.11 5.30 -33.42
C PRO C 193 -15.93 4.01 -33.48
N VAL C 194 -15.36 2.99 -34.09
CA VAL C 194 -15.98 1.68 -34.19
C VAL C 194 -15.44 0.86 -33.02
N ASN C 195 -16.35 0.37 -32.17
CA ASN C 195 -15.97 -0.58 -31.12
C ASN C 195 -15.29 -1.80 -31.73
N ALA C 196 -14.31 -2.35 -31.02
CA ALA C 196 -13.46 -3.40 -31.59
C ALA C 196 -12.68 -4.14 -30.51
N ILE C 197 -12.35 -5.40 -30.81
CA ILE C 197 -11.42 -6.18 -29.97
C ILE C 197 -10.16 -6.43 -30.80
N ILE C 198 -8.98 -6.30 -30.17
CA ILE C 198 -7.70 -6.54 -30.84
C ILE C 198 -7.40 -8.05 -30.69
N GLU C 199 -7.19 -8.74 -31.81
CA GLU C 199 -7.08 -10.20 -31.80
C GLU C 199 -5.67 -10.71 -31.98
N HIS C 200 -4.80 -9.86 -32.54
CA HIS C 200 -3.41 -10.22 -32.85
C HIS C 200 -2.61 -8.95 -33.17
N VAL C 201 -1.35 -8.95 -32.79
CA VAL C 201 -0.41 -7.85 -33.04
C VAL C 201 0.75 -8.43 -33.89
N ARG C 202 0.77 -8.14 -35.21
CA ARG C 202 1.83 -8.65 -36.10
C ARG C 202 3.17 -8.03 -35.74
N ASP C 203 3.17 -6.70 -35.71
CA ASP C 203 4.27 -5.91 -35.21
C ASP C 203 3.70 -4.74 -34.42
N GLY C 204 4.58 -3.95 -33.80
CA GLY C 204 4.15 -2.87 -32.90
C GLY C 204 3.13 -1.87 -33.42
N SER C 205 3.04 -1.71 -34.76
CA SER C 205 2.12 -0.76 -35.34
C SER C 205 1.07 -1.31 -36.33
N VAL C 206 1.00 -2.63 -36.53
CA VAL C 206 -0.16 -3.24 -37.22
C VAL C 206 -0.79 -4.38 -36.41
N VAL C 207 -2.12 -4.41 -36.44
CA VAL C 207 -2.93 -5.34 -35.63
C VAL C 207 -3.99 -6.04 -36.48
N ARG C 208 -4.48 -7.16 -35.96
CA ARG C 208 -5.72 -7.76 -36.46
C ARG C 208 -6.76 -7.43 -35.43
N ALA C 209 -7.89 -6.88 -35.88
CA ALA C 209 -8.92 -6.38 -35.00
C ALA C 209 -10.29 -6.85 -35.46
N LEU C 210 -11.11 -7.29 -34.50
CA LEU C 210 -12.48 -7.73 -34.72
C LEU C 210 -13.44 -6.55 -34.56
N LEU C 211 -14.04 -6.09 -35.67
CA LEU C 211 -14.93 -4.91 -35.65
C LEU C 211 -16.36 -5.31 -35.30
N LEU C 212 -16.93 -4.61 -34.30
CA LEU C 212 -18.27 -4.86 -33.78
C LEU C 212 -19.19 -3.71 -34.20
N PRO C 213 -20.49 -3.96 -34.41
CA PRO C 213 -21.17 -5.23 -34.20
C PRO C 213 -21.23 -6.21 -35.42
N ASP C 214 -20.41 -5.97 -36.44
CA ASP C 214 -20.49 -6.70 -37.72
C ASP C 214 -19.68 -8.00 -37.76
N TYR C 215 -18.62 -8.06 -36.95
CA TYR C 215 -17.60 -9.15 -36.94
C TYR C 215 -16.78 -9.23 -38.22
N TYR C 216 -16.31 -8.08 -38.72
CA TYR C 216 -15.28 -8.06 -39.75
C TYR C 216 -13.96 -8.18 -39.03
N LEU C 217 -13.21 -9.25 -39.34
CA LEU C 217 -11.82 -9.45 -38.88
C LEU C 217 -10.84 -8.93 -39.97
N VAL C 218 -10.20 -7.80 -39.66
CA VAL C 218 -9.42 -7.06 -40.62
C VAL C 218 -8.08 -6.62 -40.01
N THR C 219 -7.14 -6.31 -40.89
CA THR C 219 -5.84 -5.84 -40.50
C THR C 219 -5.95 -4.30 -40.40
N VAL C 220 -5.41 -3.73 -39.33
CA VAL C 220 -5.40 -2.28 -39.13
C VAL C 220 -3.95 -1.86 -38.90
N MET C 221 -3.44 -0.96 -39.74
CA MET C 221 -2.15 -0.31 -39.49
C MET C 221 -2.42 1.02 -38.83
N LEU C 222 -1.54 1.44 -37.91
CA LEU C 222 -1.65 2.75 -37.27
C LEU C 222 -1.16 3.85 -38.23
N SER C 223 -2.06 4.81 -38.53
CA SER C 223 -1.77 5.95 -39.41
C SER C 223 -0.64 6.80 -38.84
N GLY C 224 0.29 7.20 -39.72
CA GLY C 224 1.35 8.12 -39.34
C GLY C 224 2.62 7.51 -38.76
N ILE C 225 2.58 6.22 -38.40
CA ILE C 225 3.76 5.54 -37.85
C ILE C 225 4.13 4.26 -38.54
N LYS C 226 5.37 3.84 -38.28
CA LYS C 226 5.84 2.53 -38.63
C LYS C 226 6.78 2.13 -37.53
N CYS C 227 6.48 1.02 -36.88
CA CYS C 227 7.43 0.40 -35.97
C CYS C 227 8.37 -0.43 -36.84
N PRO C 228 9.54 -0.84 -36.28
CA PRO C 228 10.37 -1.87 -36.95
C PRO C 228 9.59 -3.19 -37.15
N THR C 229 10.02 -4.01 -38.11
CA THR C 229 9.23 -5.14 -38.57
C THR C 229 10.00 -6.46 -38.47
N PHE C 230 9.27 -7.57 -38.66
CA PHE C 230 9.84 -8.94 -38.63
C PHE C 230 10.08 -9.55 -40.02
N ARG C 231 11.25 -10.20 -40.17
CA ARG C 231 11.68 -10.82 -41.44
C ARG C 231 13.05 -11.55 -41.31
N THR C 234 15.39 -13.10 -39.02
CA THR C 234 16.11 -12.03 -38.35
C THR C 234 15.37 -10.67 -38.53
N PRO C 235 14.71 -10.16 -37.44
CA PRO C 235 13.93 -8.92 -37.49
C PRO C 235 14.76 -7.64 -37.29
N GLU C 236 14.19 -6.48 -37.62
CA GLU C 236 14.86 -5.20 -37.39
C GLU C 236 15.07 -4.95 -35.87
N PRO C 237 16.02 -4.06 -35.50
CA PRO C 237 16.15 -3.73 -34.06
C PRO C 237 14.87 -3.15 -33.44
N PHE C 238 14.60 -3.57 -32.20
CA PHE C 238 13.39 -3.19 -31.43
C PHE C 238 12.03 -3.65 -32.01
N ALA C 239 12.04 -4.60 -32.93
CA ALA C 239 10.79 -5.04 -33.54
C ALA C 239 10.03 -5.93 -32.56
N ALA C 240 10.73 -6.87 -31.93
CA ALA C 240 10.11 -7.75 -30.92
C ALA C 240 9.73 -6.92 -29.69
N GLU C 241 10.52 -5.90 -29.43
CA GLU C 241 10.28 -4.98 -28.35
C GLU C 241 8.96 -4.23 -28.60
N ALA C 242 8.82 -3.64 -29.77
CA ALA C 242 7.59 -2.87 -30.11
C ALA C 242 6.35 -3.78 -30.18
N LYS C 243 6.54 -4.99 -30.69
CA LYS C 243 5.47 -5.97 -30.73
C LYS C 243 5.00 -6.21 -29.29
N PHE C 244 5.89 -6.64 -28.41
CA PHE C 244 5.57 -6.82 -27.00
C PHE C 244 4.92 -5.59 -26.35
N PHE C 245 5.42 -4.39 -26.67
CA PHE C 245 4.91 -3.14 -26.13
C PHE C 245 3.40 -3.01 -26.41
N THR C 246 3.04 -2.99 -27.70
CA THR C 246 1.64 -2.86 -28.15
C THR C 246 0.81 -4.10 -27.74
N GLU C 247 1.42 -5.27 -27.79
CA GLU C 247 0.76 -6.54 -27.44
C GLU C 247 0.41 -6.65 -25.93
N SER C 248 1.30 -6.23 -25.03
CA SER C 248 1.03 -6.28 -23.58
C SER C 248 -0.04 -5.26 -23.12
N ARG C 249 -0.15 -4.14 -23.85
CA ARG C 249 -1.15 -3.10 -23.55
C ARG C 249 -2.51 -3.36 -24.22
N LEU C 250 -2.52 -4.00 -25.41
CA LEU C 250 -3.75 -4.09 -26.22
C LEU C 250 -4.25 -5.45 -26.65
N LEU C 251 -3.43 -6.50 -26.66
CA LEU C 251 -3.93 -7.85 -27.06
C LEU C 251 -5.18 -8.27 -26.23
N GLN C 252 -6.23 -8.70 -26.94
CA GLN C 252 -7.52 -9.12 -26.39
C GLN C 252 -8.14 -8.11 -25.40
N ARG C 253 -8.05 -6.84 -25.78
CA ARG C 253 -8.75 -5.76 -25.10
C ARG C 253 -9.85 -5.18 -25.96
N ASP C 254 -10.93 -4.76 -25.32
CA ASP C 254 -11.95 -3.99 -25.99
C ASP C 254 -11.34 -2.64 -26.28
N VAL C 255 -11.54 -2.14 -27.48
CA VAL C 255 -11.05 -0.81 -27.85
C VAL C 255 -12.07 -0.17 -28.77
N GLN C 256 -11.83 1.07 -29.14
CA GLN C 256 -12.53 1.71 -30.25
C GLN C 256 -11.48 2.07 -31.29
N ILE C 257 -11.84 2.02 -32.56
CA ILE C 257 -10.87 2.31 -33.63
C ILE C 257 -11.49 3.31 -34.59
N ILE C 258 -10.78 4.42 -34.83
CA ILE C 258 -11.19 5.38 -35.87
C ILE C 258 -10.66 4.86 -37.19
N LEU C 259 -11.56 4.47 -38.09
CA LEU C 259 -11.19 4.00 -39.41
C LEU C 259 -10.90 5.23 -40.27
N GLU C 260 -9.62 5.50 -40.52
CA GLU C 260 -9.16 6.79 -41.11
C GLU C 260 -8.92 6.75 -42.61
N SER C 261 -8.49 5.59 -43.13
CA SER C 261 -8.36 5.34 -44.58
C SER C 261 -8.14 3.83 -44.82
N CYS C 262 -7.86 3.44 -46.06
CA CYS C 262 -7.42 2.06 -46.35
C CYS C 262 -6.25 2.03 -47.33
N HIS C 263 -5.55 0.91 -47.34
CA HIS C 263 -4.47 0.64 -48.27
C HIS C 263 -4.60 -0.82 -48.69
N ASN C 264 -5.27 -1.03 -49.81
CA ASN C 264 -5.67 -2.37 -50.28
C ASN C 264 -6.67 -2.97 -49.25
N GLN C 265 -6.49 -4.23 -48.85
CA GLN C 265 -7.35 -4.83 -47.81
C GLN C 265 -7.06 -4.32 -46.39
N ASN C 266 -5.90 -3.69 -46.18
CA ASN C 266 -5.56 -3.10 -44.87
C ASN C 266 -6.29 -1.79 -44.65
N ILE C 267 -6.70 -1.57 -43.41
CA ILE C 267 -7.37 -0.33 -43.00
C ILE C 267 -6.34 0.49 -42.25
N LEU C 268 -6.19 1.74 -42.63
CA LEU C 268 -5.39 2.70 -41.86
C LEU C 268 -6.32 3.20 -40.75
N GLY C 269 -5.78 3.40 -39.55
CA GLY C 269 -6.63 3.78 -38.43
C GLY C 269 -5.91 4.02 -37.13
N THR C 270 -6.69 4.39 -36.10
CA THR C 270 -6.18 4.83 -34.81
C THR C 270 -6.99 4.19 -33.69
N ILE C 271 -6.30 3.53 -32.77
CA ILE C 271 -6.94 2.87 -31.63
C ILE C 271 -7.10 3.83 -30.44
N LEU C 272 -8.33 3.88 -29.92
CA LEU C 272 -8.67 4.60 -28.70
C LEU C 272 -8.80 3.60 -27.56
N HIS C 273 -8.16 3.92 -26.42
CA HIS C 273 -8.34 3.16 -25.17
C HIS C 273 -8.25 4.18 -24.04
N PRO C 274 -8.96 3.97 -22.91
CA PRO C 274 -8.88 4.91 -21.79
C PRO C 274 -7.47 5.33 -21.40
N ASN C 275 -6.58 4.36 -21.24
CA ASN C 275 -5.22 4.58 -20.76
C ASN C 275 -4.30 5.41 -21.71
N GLY C 276 -4.71 5.58 -22.97
CA GLY C 276 -4.01 6.48 -23.88
C GLY C 276 -4.07 6.08 -25.35
N ASN C 277 -3.36 6.89 -26.14
CA ASN C 277 -3.23 6.72 -27.60
C ASN C 277 -1.93 5.95 -27.96
N ILE C 278 -2.08 4.66 -28.30
CA ILE C 278 -0.92 3.78 -28.62
C ILE C 278 0.04 4.30 -29.72
N THR C 279 -0.53 4.93 -30.75
CA THR C 279 0.26 5.62 -31.77
C THR C 279 1.14 6.71 -31.12
N GLU C 280 0.53 7.48 -30.22
CA GLU C 280 1.20 8.59 -29.50
C GLU C 280 2.31 8.13 -28.56
N LEU C 281 2.02 7.09 -27.78
CA LEU C 281 3.04 6.45 -26.92
C LEU C 281 4.20 5.83 -27.65
N LEU C 282 3.92 4.97 -28.63
CA LEU C 282 4.94 4.22 -29.37
C LEU C 282 6.07 5.13 -29.83
N LEU C 283 5.68 6.30 -30.39
CA LEU C 283 6.64 7.35 -30.75
C LEU C 283 7.35 7.95 -29.53
N LYS C 284 6.61 8.38 -28.50
CA LYS C 284 7.24 9.02 -27.32
C LYS C 284 8.17 8.08 -26.51
N GLU C 285 7.98 6.76 -26.66
CA GLU C 285 8.89 5.76 -26.07
C GLU C 285 9.94 5.22 -27.03
N GLY C 286 10.07 5.84 -28.20
CA GLY C 286 11.07 5.42 -29.20
C GLY C 286 10.91 4.00 -29.74
N PHE C 287 9.67 3.63 -30.09
CA PHE C 287 9.37 2.36 -30.75
C PHE C 287 8.79 2.52 -32.15
N ALA C 288 8.78 3.75 -32.68
CA ALA C 288 8.18 4.02 -33.99
C ALA C 288 8.66 5.34 -34.59
N ARG C 289 8.55 5.45 -35.92
CA ARG C 289 8.96 6.64 -36.67
C ARG C 289 7.76 7.16 -37.43
N CYS C 290 7.68 8.50 -37.58
CA CYS C 290 6.63 9.10 -38.40
C CYS C 290 6.84 8.72 -39.87
N VAL C 291 5.75 8.53 -40.59
CA VAL C 291 5.78 8.22 -42.02
C VAL C 291 4.85 9.20 -42.78
N ASP C 292 5.31 9.65 -43.95
CA ASP C 292 4.77 10.84 -44.63
C ASP C 292 3.46 10.60 -45.38
N TRP C 293 3.38 9.48 -46.09
CA TRP C 293 2.17 9.09 -46.82
C TRP C 293 0.90 9.06 -45.94
N SER C 294 1.01 8.40 -44.78
CA SER C 294 -0.16 8.13 -43.96
C SER C 294 -0.39 9.13 -42.83
N ILE C 295 0.47 10.14 -42.66
CA ILE C 295 0.25 11.14 -41.57
C ILE C 295 -0.95 12.07 -41.80
N ALA C 296 -1.34 12.28 -43.07
CA ALA C 296 -2.44 13.18 -43.43
C ALA C 296 -3.82 12.69 -43.00
N VAL C 297 -4.04 11.38 -43.00
CA VAL C 297 -5.33 10.82 -42.56
C VAL C 297 -5.49 10.70 -41.04
N TYR C 298 -4.39 10.86 -40.29
CA TYR C 298 -4.42 10.83 -38.81
C TYR C 298 -5.37 11.88 -38.25
N THR C 299 -6.58 11.46 -37.89
CA THR C 299 -7.62 12.37 -37.39
C THR C 299 -7.19 13.16 -36.16
N ARG C 300 -6.54 12.48 -35.22
CA ARG C 300 -6.15 13.08 -33.94
C ARG C 300 -5.07 14.18 -33.97
N GLY C 301 -4.52 14.51 -35.14
CA GLY C 301 -3.67 15.69 -35.31
C GLY C 301 -2.22 15.38 -35.60
N ALA C 302 -1.81 15.59 -36.86
CA ALA C 302 -0.44 15.30 -37.32
C ALA C 302 0.68 16.10 -36.62
N GLU C 303 0.33 17.26 -36.05
CA GLU C 303 1.22 18.08 -35.22
C GLU C 303 1.77 17.30 -34.02
N LYS C 304 0.92 16.48 -33.40
CA LYS C 304 1.24 15.80 -32.15
C LYS C 304 2.12 14.53 -32.31
N LEU C 305 2.07 13.88 -33.48
CA LEU C 305 2.93 12.74 -33.78
C LEU C 305 4.36 13.19 -34.08
N ARG C 306 4.46 14.23 -34.90
CA ARG C 306 5.72 14.93 -35.14
C ARG C 306 6.42 15.42 -33.85
N ALA C 307 5.63 15.86 -32.88
CA ALA C 307 6.12 16.34 -31.57
C ALA C 307 6.59 15.22 -30.63
N ALA C 308 5.85 14.11 -30.58
CA ALA C 308 6.25 12.96 -29.75
C ALA C 308 7.46 12.18 -30.34
N GLU C 309 7.65 12.20 -31.67
CA GLU C 309 8.88 11.67 -32.27
C GLU C 309 10.07 12.43 -31.73
N ARG C 310 9.97 13.76 -31.79
CA ARG C 310 11.01 14.67 -31.30
C ARG C 310 11.35 14.48 -29.80
N PHE C 311 10.33 14.18 -29.00
CA PHE C 311 10.50 13.89 -27.57
C PHE C 311 11.49 12.73 -27.34
N ALA C 312 11.32 11.66 -28.12
CA ALA C 312 12.15 10.45 -28.00
C ALA C 312 13.51 10.64 -28.66
N LYS C 313 13.53 11.34 -29.79
CA LYS C 313 14.77 11.79 -30.43
C LYS C 313 15.69 12.55 -29.47
N GLU C 314 15.12 13.56 -28.82
CA GLU C 314 15.90 14.47 -27.98
C GLU C 314 16.45 13.77 -26.73
N ARG C 315 15.68 12.81 -26.21
CA ARG C 315 16.16 11.91 -25.16
C ARG C 315 17.01 10.72 -25.66
N ARG C 316 17.32 10.66 -26.95
CA ARG C 316 18.21 9.61 -27.52
C ARG C 316 17.65 8.19 -27.18
N LEU C 317 16.34 8.03 -27.35
CA LEU C 317 15.63 6.86 -26.82
C LEU C 317 15.50 5.70 -27.82
N ARG C 318 16.06 4.55 -27.46
CA ARG C 318 15.88 3.27 -28.17
C ARG C 318 16.28 3.27 -29.67
N ILE C 319 15.33 3.39 -30.59
CA ILE C 319 15.67 3.55 -32.02
C ILE C 319 16.54 4.80 -32.29
N TRP C 320 16.50 5.76 -31.35
CA TRP C 320 17.30 6.98 -31.41
C TRP C 320 18.60 6.99 -30.58
N ARG C 321 19.09 5.82 -30.16
CA ARG C 321 20.40 5.73 -29.52
C ARG C 321 21.52 5.99 -30.53
N ASP C 322 22.72 6.29 -30.04
CA ASP C 322 23.91 6.46 -30.92
C ASP C 322 24.54 5.13 -31.33
N TYR C 323 24.44 4.15 -30.45
CA TYR C 323 24.71 2.75 -30.77
C TYR C 323 23.39 2.00 -30.95
N VAL C 324 23.12 1.56 -32.19
CA VAL C 324 21.80 1.06 -32.58
C VAL C 324 21.91 0.13 -33.81
N PRO D 22 21.68 -27.57 34.22
CA PRO D 22 21.90 -26.48 33.26
C PRO D 22 20.97 -26.57 32.03
N THR D 23 20.20 -25.50 31.77
CA THR D 23 19.36 -25.41 30.57
C THR D 23 20.26 -25.26 29.32
N VAL D 24 20.63 -26.38 28.69
CA VAL D 24 21.59 -26.40 27.58
C VAL D 24 20.99 -25.77 26.32
N GLN D 25 21.81 -25.00 25.59
CA GLN D 25 21.38 -24.29 24.38
C GLN D 25 22.44 -24.43 23.28
N ARG D 26 22.02 -24.31 22.02
CA ARG D 26 22.95 -24.38 20.87
C ARG D 26 23.20 -22.98 20.30
N GLY D 27 24.26 -22.86 19.49
CA GLY D 27 24.58 -21.60 18.83
C GLY D 27 25.78 -21.63 17.91
N ILE D 28 26.06 -20.49 17.28
CA ILE D 28 27.25 -20.31 16.44
C ILE D 28 28.05 -19.12 16.94
N ILE D 29 29.36 -19.30 16.96
CA ILE D 29 30.29 -18.33 17.51
C ILE D 29 30.27 -17.14 16.56
N LYS D 30 29.83 -15.98 17.06
CA LYS D 30 29.89 -14.73 16.29
C LYS D 30 31.26 -14.12 16.43
N MET D 31 31.71 -13.98 17.67
CA MET D 31 33.03 -13.44 17.95
C MET D 31 33.51 -13.67 19.37
N VAL D 32 34.81 -13.51 19.54
CA VAL D 32 35.49 -13.54 20.81
C VAL D 32 35.86 -12.09 21.20
N LEU D 33 35.40 -11.64 22.37
CA LEU D 33 35.61 -10.26 22.83
C LEU D 33 36.82 -10.07 23.74
N SER D 34 37.03 -8.83 24.19
CA SER D 34 37.99 -8.52 25.25
C SER D 34 37.60 -9.21 26.56
N GLY D 35 38.60 -9.86 27.16
CA GLY D 35 38.40 -10.67 28.37
C GLY D 35 37.87 -12.05 28.02
N CYS D 36 37.99 -12.42 26.74
CA CYS D 36 37.44 -13.66 26.20
C CYS D 36 35.97 -13.97 26.56
N ALA D 37 35.17 -12.91 26.74
CA ALA D 37 33.73 -13.04 26.67
C ALA D 37 33.37 -13.34 25.20
N ILE D 38 32.32 -14.14 25.02
CA ILE D 38 31.99 -14.72 23.74
C ILE D 38 30.64 -14.19 23.28
N ILE D 39 30.51 -13.90 21.99
CA ILE D 39 29.19 -13.59 21.41
C ILE D 39 28.75 -14.78 20.56
N VAL D 40 27.54 -15.28 20.85
CA VAL D 40 27.02 -16.50 20.24
C VAL D 40 25.72 -16.11 19.59
N ARG D 41 25.50 -16.53 18.35
CA ARG D 41 24.25 -16.17 17.64
C ARG D 41 23.49 -17.38 17.10
N GLY D 42 22.17 -17.24 17.04
CA GLY D 42 21.32 -18.27 16.46
C GLY D 42 21.31 -18.21 14.94
N GLN D 43 20.48 -19.07 14.34
CA GLN D 43 20.20 -19.03 12.89
C GLN D 43 19.09 -17.98 12.67
N PRO D 44 19.21 -17.17 11.60
CA PRO D 44 18.22 -16.11 11.38
C PRO D 44 16.86 -16.67 10.94
N ARG D 45 15.80 -16.31 11.66
CA ARG D 45 14.44 -16.83 11.43
C ARG D 45 13.43 -15.69 11.68
N GLY D 46 13.08 -14.97 10.61
CA GLY D 46 12.25 -13.77 10.71
C GLY D 46 13.00 -12.45 10.58
N GLY D 47 14.32 -12.45 10.84
CA GLY D 47 15.12 -11.20 10.74
C GLY D 47 16.61 -11.42 10.97
N PRO D 48 17.35 -10.39 11.44
CA PRO D 48 18.77 -10.61 11.83
C PRO D 48 18.87 -11.56 13.03
N PRO D 49 19.84 -12.49 13.03
CA PRO D 49 19.81 -13.52 14.09
C PRO D 49 20.00 -12.88 15.46
N PRO D 50 19.41 -13.47 16.50
CA PRO D 50 19.62 -12.98 17.88
C PRO D 50 20.99 -13.39 18.46
N GLU D 51 21.59 -12.51 19.27
CA GLU D 51 22.93 -12.68 19.84
C GLU D 51 22.92 -12.75 21.38
N ARG D 52 23.82 -13.55 21.94
CA ARG D 52 24.01 -13.69 23.39
C ARG D 52 25.46 -13.47 23.76
N GLN D 53 25.73 -12.57 24.70
CA GLN D 53 27.06 -12.39 25.24
C GLN D 53 27.20 -13.25 26.50
N ILE D 54 28.02 -14.29 26.40
CA ILE D 54 28.35 -15.16 27.52
C ILE D 54 29.77 -14.85 28.02
N ASN D 55 29.92 -14.56 29.30
CA ASN D 55 31.23 -14.42 29.92
C ASN D 55 31.66 -15.73 30.57
N LEU D 56 32.87 -16.20 30.25
CA LEU D 56 33.33 -17.51 30.71
C LEU D 56 33.48 -17.53 32.22
N SER D 57 32.83 -18.51 32.84
CA SER D 57 32.39 -18.39 34.25
C SER D 57 33.45 -18.34 35.33
N ASN D 58 34.33 -19.33 35.37
CA ASN D 58 35.25 -19.47 36.50
C ASN D 58 36.60 -18.81 36.30
N ILE D 59 36.76 -18.08 35.19
CA ILE D 59 38.09 -17.74 34.69
C ILE D 59 38.29 -16.25 34.37
N ARG D 60 39.55 -15.83 34.39
CA ARG D 60 40.00 -14.46 34.12
C ARG D 60 40.97 -14.48 32.94
N ALA D 61 40.74 -13.64 31.94
CA ALA D 61 41.69 -13.42 30.86
C ALA D 61 42.00 -11.95 30.72
N GLY D 62 43.11 -11.64 30.08
CA GLY D 62 43.50 -10.24 29.88
C GLY D 62 42.51 -9.41 29.06
N ASN D 63 42.30 -8.16 29.49
CA ASN D 63 41.57 -7.15 28.70
C ASN D 63 42.42 -6.67 27.51
N LEU D 64 41.82 -6.60 26.33
CA LEU D 64 42.54 -6.12 25.12
C LEU D 64 42.72 -4.60 25.18
N ALA D 65 43.52 -4.10 24.25
CA ALA D 65 43.67 -2.67 24.04
C ALA D 65 42.31 -2.01 23.79
N ARG D 66 42.15 -0.80 24.32
CA ARG D 66 40.92 -0.05 24.23
C ARG D 66 41.29 1.42 24.26
N ARG D 67 40.28 2.28 24.21
CA ARG D 67 40.50 3.69 24.33
C ARG D 67 39.23 4.44 24.67
N ALA D 68 39.40 5.56 25.38
CA ALA D 68 38.27 6.42 25.77
C ALA D 68 38.83 7.82 26.10
N ALA D 69 39.11 8.13 27.38
CA ALA D 69 39.78 9.38 27.77
C ALA D 69 41.20 9.39 27.22
N LYS D 70 41.89 8.26 27.41
CA LYS D 70 43.19 7.98 26.77
C LYS D 70 43.25 6.57 26.18
N ASP D 71 44.31 6.32 25.41
CA ASP D 71 44.64 5.00 24.90
C ASP D 71 45.20 4.15 26.05
N THR D 72 44.63 2.96 26.26
CA THR D 72 45.21 2.00 27.20
C THR D 72 45.63 0.78 26.37
N PRO D 73 46.77 0.16 26.72
CA PRO D 73 47.29 -0.90 25.86
C PRO D 73 46.74 -2.25 26.28
N ASP D 74 47.08 -3.30 25.51
CA ASP D 74 46.76 -4.68 25.91
C ASP D 74 47.35 -4.95 27.27
N GLU D 75 46.64 -5.71 28.09
CA GLU D 75 47.26 -6.37 29.24
C GLU D 75 48.13 -7.48 28.66
N PRO D 76 49.13 -7.96 29.44
CA PRO D 76 49.92 -9.10 28.97
C PRO D 76 49.07 -10.37 28.87
N TRP D 77 49.27 -11.12 27.79
CA TRP D 77 48.52 -12.35 27.48
C TRP D 77 47.02 -12.16 27.10
N ALA D 78 46.58 -10.91 26.94
CA ALA D 78 45.18 -10.61 26.57
C ALA D 78 44.98 -10.99 25.12
N PHE D 79 45.88 -10.53 24.26
CA PHE D 79 45.77 -10.76 22.82
C PHE D 79 46.02 -12.22 22.41
N PRO D 80 47.11 -12.86 22.92
CA PRO D 80 47.31 -14.31 22.64
C PRO D 80 46.13 -15.22 23.03
N ALA D 81 45.44 -14.87 24.13
CA ALA D 81 44.21 -15.56 24.53
C ALA D 81 43.09 -15.36 23.53
N ARG D 82 42.91 -14.12 23.06
CA ARG D 82 41.86 -13.81 22.08
C ARG D 82 42.10 -14.67 20.87
N GLU D 83 43.32 -14.61 20.36
CA GLU D 83 43.67 -15.32 19.14
C GLU D 83 43.45 -16.83 19.23
N PHE D 84 43.86 -17.41 20.36
CA PHE D 84 43.67 -18.81 20.60
C PHE D 84 42.21 -19.20 20.39
N LEU D 85 41.30 -18.50 21.06
CA LEU D 85 39.88 -18.83 20.98
C LEU D 85 39.25 -18.42 19.67
N ARG D 86 39.66 -17.26 19.14
CA ARG D 86 39.20 -16.86 17.81
C ARG D 86 39.54 -17.98 16.80
N LYS D 87 40.81 -18.35 16.69
CA LYS D 87 41.21 -19.34 15.68
C LYS D 87 40.54 -20.73 15.82
N LYS D 88 40.18 -21.10 17.05
CA LYS D 88 39.46 -22.33 17.33
C LYS D 88 37.96 -22.27 17.08
N LEU D 89 37.34 -21.10 17.22
CA LEU D 89 35.90 -21.01 17.39
C LEU D 89 35.08 -20.30 16.32
N ILE D 90 35.65 -19.35 15.60
CA ILE D 90 34.85 -18.46 14.77
C ILE D 90 34.06 -19.26 13.73
N GLY D 91 32.75 -19.23 13.86
CA GLY D 91 31.87 -19.96 12.96
C GLY D 91 31.70 -21.45 13.21
N LYS D 92 32.12 -21.93 14.38
CA LYS D 92 31.81 -23.30 14.80
C LYS D 92 30.45 -23.30 15.45
N GLU D 93 29.82 -24.48 15.46
CA GLU D 93 28.60 -24.70 16.20
C GLU D 93 29.09 -25.04 17.60
N VAL D 94 28.56 -24.35 18.61
CA VAL D 94 28.86 -24.66 20.02
C VAL D 94 27.57 -24.93 20.79
N CYS D 95 27.73 -25.35 22.04
CA CYS D 95 26.61 -25.38 23.00
C CYS D 95 27.05 -24.78 24.34
N PHE D 96 26.07 -24.23 25.07
CA PHE D 96 26.36 -23.38 26.23
C PHE D 96 25.28 -23.38 27.31
N THR D 97 25.74 -23.20 28.55
CA THR D 97 24.89 -23.18 29.73
C THR D 97 25.09 -21.83 30.42
N ILE D 98 24.06 -21.38 31.14
CA ILE D 98 24.07 -20.08 31.84
C ILE D 98 24.15 -20.29 33.35
N GLU D 99 25.36 -20.34 33.89
CA GLU D 99 25.56 -20.64 35.31
C GLU D 99 24.95 -19.57 36.25
N ASN D 100 24.84 -18.32 35.80
CA ASN D 100 24.26 -17.24 36.61
C ASN D 100 23.92 -16.02 35.74
N LYS D 101 23.12 -15.10 36.27
CA LYS D 101 22.85 -13.81 35.62
C LYS D 101 22.94 -12.65 36.62
N THR D 102 23.91 -11.75 36.39
CA THR D 102 24.20 -10.64 37.31
C THR D 102 23.34 -9.40 36.97
N PRO D 103 23.10 -8.52 37.98
CA PRO D 103 22.27 -7.34 37.74
C PRO D 103 23.06 -6.18 37.11
N GLY D 105 23.02 -6.43 32.75
CA GLY D 105 22.32 -7.60 32.24
C GLY D 105 23.24 -8.69 31.71
N ARG D 106 24.35 -8.91 32.40
CA ARG D 106 25.40 -9.82 31.97
C ARG D 106 25.10 -11.26 32.35
N GLU D 107 25.45 -12.18 31.47
CA GLU D 107 25.24 -13.61 31.67
C GLU D 107 26.60 -14.31 31.79
N TYR D 108 26.71 -15.19 32.80
CA TYR D 108 27.92 -15.99 33.02
C TYR D 108 27.64 -17.46 32.73
N GLY D 109 28.60 -18.13 32.11
CA GLY D 109 28.40 -19.52 31.69
C GLY D 109 29.58 -20.30 31.14
N MET D 110 29.26 -21.45 30.60
CA MET D 110 30.24 -22.34 29.99
C MET D 110 29.83 -22.49 28.53
N ILE D 111 30.82 -22.75 27.68
CA ILE D 111 30.64 -22.98 26.25
C ILE D 111 31.45 -24.25 25.89
N TYR D 112 30.87 -25.17 25.13
CA TYR D 112 31.58 -26.40 24.75
C TYR D 112 31.66 -26.53 23.24
N LEU D 113 32.87 -26.73 22.71
CA LEU D 113 33.03 -26.88 21.26
C LEU D 113 32.37 -28.22 20.89
N GLY D 114 31.27 -28.14 20.13
CA GLY D 114 30.52 -29.33 19.71
C GLY D 114 29.07 -29.30 20.14
N LYS D 115 28.30 -30.26 19.64
CA LYS D 115 26.83 -30.32 19.85
C LYS D 115 26.37 -30.72 21.25
N ASP D 116 27.24 -31.38 22.03
CA ASP D 116 26.88 -31.87 23.36
C ASP D 116 27.82 -31.35 24.45
N THR D 117 27.34 -31.42 25.70
CA THR D 117 28.01 -30.81 26.85
C THR D 117 29.16 -31.59 27.47
N ASN D 118 29.43 -32.79 26.97
CA ASN D 118 30.61 -33.54 27.42
C ASN D 118 31.87 -33.28 26.56
N GLY D 119 31.73 -32.44 25.51
CA GLY D 119 32.86 -32.04 24.67
C GLY D 119 33.83 -31.03 25.28
N GLU D 120 34.70 -30.48 24.43
CA GLU D 120 35.77 -29.57 24.87
C GLU D 120 35.18 -28.30 25.50
N ASN D 121 35.37 -28.18 26.81
CA ASN D 121 35.08 -26.95 27.56
C ASN D 121 36.18 -25.92 27.23
N ILE D 122 35.76 -24.79 26.67
CA ILE D 122 36.69 -23.83 26.10
C ILE D 122 37.50 -23.14 27.18
N ALA D 123 36.89 -22.88 28.34
CA ALA D 123 37.60 -22.31 29.48
C ALA D 123 38.75 -23.24 29.95
N GLU D 124 38.51 -24.55 29.88
CA GLU D 124 39.52 -25.54 30.23
C GLU D 124 40.67 -25.54 29.23
N SER D 125 40.33 -25.48 27.95
CA SER D 125 41.34 -25.25 26.92
C SER D 125 42.09 -23.91 27.13
N LEU D 126 41.37 -22.85 27.53
CA LEU D 126 42.01 -21.54 27.78
C LEU D 126 43.03 -21.60 28.89
N VAL D 127 42.57 -22.06 30.04
CA VAL D 127 43.39 -22.12 31.22
C VAL D 127 44.59 -23.06 31.01
N ALA D 128 44.40 -24.10 30.20
CA ALA D 128 45.45 -25.10 29.94
C ALA D 128 46.65 -24.56 29.16
N GLU D 129 46.44 -23.55 28.32
CA GLU D 129 47.54 -22.91 27.58
C GLU D 129 48.25 -21.83 28.39
N GLY D 130 47.79 -21.59 29.62
CA GLY D 130 48.32 -20.51 30.43
C GLY D 130 47.81 -19.15 30.00
N LEU D 131 46.66 -19.15 29.31
CA LEU D 131 46.08 -17.93 28.78
C LEU D 131 44.95 -17.42 29.65
N ALA D 132 44.58 -18.19 30.67
CA ALA D 132 43.64 -17.69 31.68
C ALA D 132 43.88 -18.35 33.03
N THR D 133 43.39 -17.71 34.08
CA THR D 133 43.45 -18.26 35.44
C THR D 133 42.09 -18.16 36.13
N ARG D 134 41.89 -18.97 37.16
CA ARG D 134 40.66 -18.94 37.94
C ARG D 134 40.60 -17.69 38.80
N ARG D 135 39.39 -17.31 39.18
CA ARG D 135 39.19 -16.13 40.02
C ARG D 135 39.49 -16.48 41.49
N GLU D 136 39.39 -15.49 42.37
CA GLU D 136 39.51 -15.71 43.81
C GLU D 136 38.23 -16.36 44.36
N ASN D 141 35.92 -28.07 46.04
CA ASN D 141 34.81 -27.36 45.39
C ASN D 141 33.93 -28.41 44.71
N ASN D 142 34.19 -28.74 43.44
CA ASN D 142 33.30 -29.54 42.62
C ASN D 142 34.07 -30.17 41.43
N PRO D 143 33.50 -31.18 40.75
CA PRO D 143 34.21 -31.79 39.60
C PRO D 143 34.65 -30.82 38.47
N GLU D 144 33.87 -29.77 38.22
CA GLU D 144 34.19 -28.78 37.19
C GLU D 144 35.42 -27.98 37.57
N GLN D 145 35.37 -27.33 38.75
CA GLN D 145 36.51 -26.58 39.28
C GLN D 145 37.75 -27.42 39.62
N ASN D 146 37.58 -28.74 39.75
CA ASN D 146 38.70 -29.69 39.85
C ASN D 146 39.45 -29.85 38.49
N ARG D 147 38.67 -29.94 37.40
CA ARG D 147 39.24 -29.97 36.04
C ARG D 147 40.10 -28.74 35.74
N LEU D 148 39.59 -27.56 36.13
CA LEU D 148 40.28 -26.27 35.92
C LEU D 148 41.53 -26.07 36.80
N SER D 149 41.49 -26.53 38.04
CA SER D 149 42.71 -26.56 38.87
C SER D 149 43.75 -27.47 38.23
N GLU D 150 43.29 -28.63 37.75
CA GLU D 150 44.16 -29.55 36.99
C GLU D 150 44.75 -28.90 35.75
N CYS D 151 43.88 -28.22 35.00
CA CYS D 151 44.29 -27.47 33.81
C CYS D 151 45.26 -26.34 34.16
N GLU D 152 45.01 -25.67 35.28
CA GLU D 152 45.91 -24.62 35.76
C GLU D 152 47.27 -25.20 36.20
N GLU D 153 47.25 -26.30 36.93
CA GLU D 153 48.48 -26.93 37.43
C GLU D 153 49.31 -27.61 36.33
N GLN D 154 48.65 -28.08 35.27
CA GLN D 154 49.34 -28.58 34.07
C GLN D 154 50.10 -27.45 33.36
N ALA D 155 49.44 -26.30 33.25
CA ALA D 155 49.99 -25.10 32.64
C ALA D 155 51.07 -24.43 33.49
N LYS D 156 50.87 -24.41 34.82
CA LYS D 156 51.88 -23.87 35.75
C LYS D 156 53.12 -24.79 35.84
N ALA D 157 52.92 -26.10 35.75
CA ALA D 157 54.02 -27.07 35.76
C ALA D 157 54.82 -27.03 34.45
N ALA D 158 54.11 -27.00 33.31
CA ALA D 158 54.75 -26.89 31.99
C ALA D 158 55.23 -25.46 31.64
N LYS D 159 54.86 -24.48 32.48
CA LYS D 159 55.31 -23.08 32.35
C LYS D 159 54.86 -22.45 31.01
N LYS D 160 53.61 -22.72 30.63
CA LYS D 160 53.01 -22.18 29.40
C LYS D 160 52.34 -20.82 29.64
N GLY D 161 52.30 -20.01 28.58
CA GLY D 161 51.57 -18.75 28.59
C GLY D 161 52.11 -17.78 29.64
N MET D 162 51.22 -17.31 30.51
CA MET D 162 51.59 -16.34 31.52
C MET D 162 52.41 -16.94 32.68
N TRP D 163 52.38 -18.26 32.83
CA TRP D 163 53.27 -18.96 33.78
C TRP D 163 54.72 -19.04 33.29
N SER D 164 54.95 -18.75 32.00
CA SER D 164 56.29 -18.67 31.42
C SER D 164 57.18 -17.65 32.15
N GLU D 165 58.49 -17.90 32.10
CA GLU D 165 59.46 -17.10 32.87
C GLU D 165 59.65 -15.76 32.17
N GLY D 166 58.83 -14.79 32.55
CA GLY D 166 58.86 -13.45 31.97
C GLY D 166 57.81 -12.54 32.56
N ASN D 167 57.76 -11.31 32.03
CA ASN D 167 56.74 -10.31 32.40
C ASN D 167 55.55 -10.32 31.42
N GLY D 168 55.81 -10.70 30.17
CA GLY D 168 54.78 -10.83 29.12
C GLY D 168 54.78 -9.71 28.08
N SER D 169 55.57 -8.65 28.31
CA SER D 169 55.61 -7.45 27.45
C SER D 169 55.53 -7.72 25.93
N HIS D 170 56.20 -8.78 25.49
CA HIS D 170 56.15 -9.24 24.09
C HIS D 170 54.77 -9.73 23.55
N THR D 171 53.75 -9.80 24.41
CA THR D 171 52.39 -10.16 23.99
C THR D 171 51.50 -8.93 23.76
N ILE D 172 52.02 -7.76 24.08
CA ILE D 172 51.30 -6.49 23.98
C ILE D 172 51.55 -5.93 22.57
N ARG D 173 50.49 -5.55 21.86
CA ARG D 173 50.60 -5.02 20.48
C ARG D 173 50.95 -3.56 20.53
N ASP D 174 51.75 -3.14 19.55
CA ASP D 174 51.99 -1.72 19.31
C ASP D 174 50.81 -1.22 18.46
N LEU D 175 49.66 -1.01 19.11
CA LEU D 175 48.45 -0.62 18.38
C LEU D 175 48.51 0.83 17.91
N LYS D 176 48.30 0.99 16.61
CA LYS D 176 48.22 2.29 15.99
C LYS D 176 46.80 2.39 15.45
N TYR D 177 46.08 3.41 15.91
CA TYR D 177 44.72 3.67 15.45
C TYR D 177 44.65 4.63 14.24
N THR D 178 45.77 5.20 13.81
CA THR D 178 45.83 5.98 12.55
C THR D 178 47.12 5.75 11.79
N ILE D 179 47.02 5.55 10.49
CA ILE D 179 48.19 5.52 9.64
C ILE D 179 48.65 6.96 9.43
N GLU D 180 49.95 7.20 9.62
CA GLU D 180 50.49 8.57 9.63
C GLU D 180 50.26 9.26 8.29
N ASN D 181 50.71 8.61 7.21
CA ASN D 181 50.50 9.07 5.83
C ASN D 181 49.90 7.92 4.99
N PRO D 182 48.57 7.89 4.82
CA PRO D 182 47.92 6.80 4.08
C PRO D 182 48.46 6.56 2.67
N ARG D 183 48.72 7.63 1.93
CA ARG D 183 49.22 7.51 0.55
C ARG D 183 50.52 6.72 0.53
N HIS D 184 51.51 7.18 1.31
CA HIS D 184 52.80 6.50 1.37
C HIS D 184 52.64 5.06 1.83
N PHE D 185 51.82 4.87 2.87
CA PHE D 185 51.56 3.55 3.45
C PHE D 185 50.91 2.57 2.46
N VAL D 186 49.93 3.06 1.70
CA VAL D 186 49.32 2.28 0.61
C VAL D 186 50.32 2.00 -0.52
N ASP D 187 51.15 2.98 -0.88
CA ASP D 187 52.20 2.79 -1.90
C ASP D 187 53.26 1.78 -1.46
N SER D 188 53.67 1.87 -0.18
CA SER D 188 54.69 1.01 0.43
C SER D 188 54.49 -0.48 0.19
N HIS D 189 53.24 -0.92 0.21
CA HIS D 189 52.89 -2.32 0.01
C HIS D 189 52.71 -2.71 -1.46
N HIS D 190 52.66 -1.73 -2.36
CA HIS D 190 52.65 -1.94 -3.82
C HIS D 190 51.46 -2.76 -4.32
N GLN D 191 50.32 -2.63 -3.65
CA GLN D 191 49.13 -3.48 -3.89
C GLN D 191 49.44 -4.99 -3.79
N LYS D 192 50.34 -5.36 -2.87
CA LYS D 192 50.65 -6.76 -2.57
C LYS D 192 49.88 -7.12 -1.31
N PRO D 193 49.18 -8.28 -1.30
CA PRO D 193 48.21 -8.56 -0.22
C PRO D 193 48.79 -8.48 1.18
N VAL D 194 48.16 -7.67 2.02
CA VAL D 194 48.56 -7.53 3.42
C VAL D 194 47.69 -8.49 4.21
N ASN D 195 48.32 -9.41 4.94
CA ASN D 195 47.60 -10.28 5.89
C ASN D 195 46.84 -9.42 6.89
N ALA D 196 45.66 -9.87 7.31
CA ALA D 196 44.78 -9.05 8.14
C ALA D 196 43.68 -9.86 8.79
N ILE D 197 43.20 -9.37 9.93
CA ILE D 197 42.02 -9.95 10.59
C ILE D 197 40.91 -8.90 10.51
N ILE D 198 39.67 -9.33 10.23
CA ILE D 198 38.50 -8.44 10.16
C ILE D 198 37.93 -8.36 11.58
N GLU D 199 37.81 -7.15 12.14
CA GLU D 199 37.45 -6.98 13.55
C GLU D 199 36.04 -6.48 13.77
N HIS D 200 35.45 -5.88 12.72
CA HIS D 200 34.11 -5.28 12.78
C HIS D 200 33.62 -4.98 11.37
N VAL D 201 32.33 -5.13 11.16
CA VAL D 201 31.66 -4.84 9.89
C VAL D 201 30.61 -3.73 10.16
N ARG D 202 30.89 -2.48 9.76
CA ARG D 202 29.94 -1.36 9.99
C ARG D 202 28.70 -1.53 9.15
N ASP D 203 28.93 -1.72 7.86
CA ASP D 203 27.91 -2.12 6.92
C ASP D 203 28.51 -3.13 5.94
N GLY D 204 27.67 -3.68 5.06
CA GLY D 204 28.09 -4.75 4.15
C GLY D 204 29.34 -4.53 3.32
N SER D 205 29.72 -3.27 3.08
CA SER D 205 30.89 -2.96 2.27
C SER D 205 31.99 -2.12 2.94
N VAL D 206 31.87 -1.78 4.23
CA VAL D 206 33.03 -1.23 4.99
C VAL D 206 33.27 -1.99 6.30
N VAL D 207 34.55 -2.21 6.60
CA VAL D 207 35.03 -3.05 7.72
C VAL D 207 36.09 -2.34 8.53
N ARG D 208 36.29 -2.80 9.76
CA ARG D 208 37.47 -2.45 10.55
C ARG D 208 38.34 -3.69 10.50
N ALA D 209 39.60 -3.49 10.14
CA ALA D 209 40.52 -4.60 9.92
C ALA D 209 41.86 -4.32 10.61
N LEU D 210 42.39 -5.35 11.27
CA LEU D 210 43.68 -5.31 11.95
C LEU D 210 44.79 -5.77 10.98
N LEU D 211 45.65 -4.84 10.55
CA LEU D 211 46.71 -5.14 9.57
C LEU D 211 47.96 -5.70 10.25
N LEU D 212 48.43 -6.85 9.75
CA LEU D 212 49.59 -7.58 10.29
C LEU D 212 50.75 -7.46 9.31
N PRO D 213 52.01 -7.47 9.78
CA PRO D 213 52.40 -7.64 11.18
C PRO D 213 52.53 -6.34 12.03
N ASP D 214 51.98 -5.23 11.56
CA ASP D 214 52.17 -3.89 12.18
C ASP D 214 51.18 -3.57 13.31
N TYR D 215 49.98 -4.16 13.24
CA TYR D 215 48.83 -3.88 14.10
C TYR D 215 48.26 -2.46 13.93
N TYR D 216 48.11 -2.03 12.67
CA TYR D 216 47.30 -0.84 12.37
C TYR D 216 45.87 -1.31 12.30
N LEU D 217 45.03 -0.74 13.18
CA LEU D 217 43.56 -0.93 13.16
C LEU D 217 42.89 0.23 12.39
N VAL D 218 42.42 -0.09 11.19
CA VAL D 218 41.95 0.90 10.23
C VAL D 218 40.64 0.49 9.59
N THR D 219 39.94 1.47 9.05
CA THR D 219 38.68 1.25 8.36
C THR D 219 39.02 0.96 6.90
N VAL D 220 38.40 -0.05 6.32
CA VAL D 220 38.59 -0.42 4.90
C VAL D 220 37.22 -0.44 4.23
N MET D 221 37.05 0.36 3.19
CA MET D 221 35.88 0.28 2.32
C MET D 221 36.24 -0.57 1.11
N LEU D 222 35.28 -1.35 0.61
CA LEU D 222 35.49 -2.15 -0.61
C LEU D 222 35.40 -1.25 -1.85
N SER D 223 36.48 -1.21 -2.63
CA SER D 223 36.56 -0.43 -3.88
C SER D 223 35.51 -0.88 -4.88
N GLY D 224 34.85 0.09 -5.51
CA GLY D 224 33.92 -0.20 -6.59
C GLY D 224 32.48 -0.50 -6.18
N ILE D 225 32.21 -0.69 -4.88
CA ILE D 225 30.86 -0.95 -4.41
C ILE D 225 30.41 -0.04 -3.28
N LYS D 226 29.10 -0.03 -3.09
CA LYS D 226 28.48 0.54 -1.92
C LYS D 226 27.30 -0.33 -1.61
N CYS D 227 27.27 -0.89 -0.41
CA CYS D 227 26.06 -1.53 0.08
C CYS D 227 25.17 -0.42 0.65
N PRO D 228 23.88 -0.71 0.89
CA PRO D 228 23.02 0.20 1.68
C PRO D 228 23.60 0.41 3.10
N THR D 229 23.22 1.52 3.74
CA THR D 229 23.86 1.96 4.97
C THR D 229 22.88 2.14 6.11
N PHE D 230 23.44 2.34 7.33
CA PHE D 230 22.65 2.56 8.56
C PHE D 230 22.58 4.03 9.00
N ARG D 231 21.37 4.48 9.38
CA ARG D 231 21.09 5.89 9.75
C ARG D 231 19.64 6.12 10.22
N THR D 234 16.75 4.41 11.57
CA THR D 234 16.08 3.76 10.44
C THR D 234 17.04 3.63 9.23
N PRO D 235 17.50 2.39 8.93
CA PRO D 235 18.49 2.15 7.87
C PRO D 235 17.85 1.94 6.48
N GLU D 236 18.67 2.04 5.42
CA GLU D 236 18.19 1.80 4.05
C GLU D 236 17.75 0.31 3.88
N PRO D 237 16.92 0.01 2.86
CA PRO D 237 16.57 -1.40 2.65
C PRO D 237 17.78 -2.31 2.38
N PHE D 238 17.73 -3.52 2.93
CA PHE D 238 18.82 -4.52 2.84
C PHE D 238 20.16 -4.14 3.51
N ALA D 239 20.17 -3.12 4.37
CA ALA D 239 21.43 -2.70 4.97
C ALA D 239 21.83 -3.68 6.08
N ALA D 240 20.87 -4.07 6.93
CA ALA D 240 21.12 -5.07 7.98
C ALA D 240 21.40 -6.44 7.34
N GLU D 241 20.75 -6.67 6.21
CA GLU D 241 20.92 -7.88 5.44
C GLU D 241 22.36 -7.95 4.94
N ALA D 242 22.84 -6.90 4.29
CA ALA D 242 24.21 -6.88 3.74
C ALA D 242 25.27 -6.91 4.85
N LYS D 243 24.98 -6.24 5.96
CA LYS D 243 25.86 -6.28 7.12
C LYS D 243 26.00 -7.74 7.56
N PHE D 244 24.90 -8.39 7.88
CA PHE D 244 24.90 -9.81 8.24
C PHE D 244 25.61 -10.72 7.20
N PHE D 245 25.38 -10.45 5.91
CA PHE D 245 25.99 -11.20 4.82
C PHE D 245 27.52 -11.21 4.94
N THR D 246 28.13 -10.02 4.88
CA THR D 246 29.59 -9.85 4.97
C THR D 246 30.10 -10.25 6.38
N GLU D 247 29.32 -9.95 7.40
CA GLU D 247 29.69 -10.27 8.80
C GLU D 247 29.72 -11.80 9.08
N SER D 248 28.75 -12.56 8.59
CA SER D 248 28.72 -14.02 8.80
C SER D 248 29.83 -14.79 8.04
N ARG D 249 30.27 -14.23 6.91
CA ARG D 249 31.35 -14.81 6.10
C ARG D 249 32.75 -14.37 6.55
N LEU D 250 32.88 -13.14 7.08
CA LEU D 250 34.21 -12.54 7.34
C LEU D 250 34.57 -12.07 8.75
N LEU D 251 33.60 -11.77 9.61
CA LEU D 251 33.92 -11.32 10.99
C LEU D 251 34.90 -12.30 11.73
N GLN D 252 35.97 -11.73 12.28
CA GLN D 252 37.04 -12.44 12.99
C GLN D 252 37.62 -13.63 12.21
N ARG D 253 37.85 -13.40 10.91
CA ARG D 253 38.58 -14.31 10.06
CA ARG D 253 38.58 -14.32 10.04
C ARG D 253 39.92 -13.70 9.64
N ASP D 254 40.92 -14.55 9.51
CA ASP D 254 42.17 -14.16 8.90
C ASP D 254 41.86 -13.96 7.43
N VAL D 255 42.36 -12.87 6.86
CA VAL D 255 42.19 -12.60 5.44
C VAL D 255 43.45 -11.94 4.93
N GLN D 256 43.50 -11.68 3.63
CA GLN D 256 44.49 -10.80 3.05
C GLN D 256 43.73 -9.65 2.41
N ILE D 257 44.31 -8.44 2.43
CA ILE D 257 43.63 -7.27 1.88
C ILE D 257 44.58 -6.55 0.93
N ILE D 258 44.13 -6.32 -0.30
CA ILE D 258 44.90 -5.49 -1.25
C ILE D 258 44.54 -4.04 -0.94
N LEU D 259 45.54 -3.29 -0.48
CA LEU D 259 45.34 -1.87 -0.18
C LEU D 259 45.44 -1.11 -1.52
N GLU D 260 44.29 -0.69 -2.04
CA GLU D 260 44.17 -0.17 -3.43
C GLU D 260 44.22 1.34 -3.56
N SER D 261 43.71 2.05 -2.55
CA SER D 261 43.82 3.53 -2.43
C SER D 261 43.39 3.96 -1.03
N CYS D 262 43.28 5.27 -0.79
CA CYS D 262 42.66 5.78 0.45
C CYS D 262 41.71 6.93 0.17
N HIS D 263 40.84 7.19 1.15
CA HIS D 263 39.92 8.32 1.12
C HIS D 263 39.88 8.87 2.55
N ASN D 264 40.72 9.88 2.79
CA ASN D 264 40.96 10.42 4.13
C ASN D 264 41.62 9.32 4.99
N GLN D 265 41.15 9.10 6.22
CA GLN D 265 41.68 8.01 7.05
C GLN D 265 41.22 6.61 6.63
N ASN D 266 40.17 6.53 5.81
CA ASN D 266 39.70 5.24 5.27
C ASN D 266 40.59 4.75 4.15
N ILE D 267 40.80 3.43 4.11
CA ILE D 267 41.58 2.78 3.05
C ILE D 267 40.59 2.14 2.11
N LEU D 268 40.72 2.40 0.83
CA LEU D 268 39.99 1.67 -0.20
C LEU D 268 40.75 0.37 -0.43
N GLY D 269 40.04 -0.74 -0.63
CA GLY D 269 40.70 -2.01 -0.76
C GLY D 269 39.79 -3.19 -1.03
N THR D 270 40.42 -4.37 -1.15
CA THR D 270 39.74 -5.59 -1.58
C THR D 270 40.22 -6.75 -0.71
N ILE D 271 39.25 -7.46 -0.11
CA ILE D 271 39.54 -8.61 0.75
C ILE D 271 39.65 -9.92 -0.07
N LEU D 272 40.74 -10.64 0.16
CA LEU D 272 40.96 -11.97 -0.39
C LEU D 272 40.70 -13.00 0.71
N HIS D 273 39.92 -14.02 0.37
CA HIS D 273 39.72 -15.20 1.23
C HIS D 273 39.55 -16.40 0.30
N PRO D 274 39.99 -17.60 0.71
CA PRO D 274 39.81 -18.79 -0.13
C PRO D 274 38.41 -18.94 -0.74
N ASN D 275 37.40 -18.84 0.12
CA ASN D 275 35.99 -19.09 -0.27
C ASN D 275 35.40 -18.06 -1.26
N GLY D 276 36.07 -16.93 -1.47
CA GLY D 276 35.70 -16.02 -2.56
C GLY D 276 36.05 -14.57 -2.37
N ASN D 277 35.66 -13.78 -3.37
CA ASN D 277 35.79 -12.31 -3.37
C ASN D 277 34.47 -11.65 -2.89
N ILE D 278 34.44 -11.18 -1.62
CA ILE D 278 33.17 -10.61 -1.07
C ILE D 278 32.63 -9.40 -1.82
N THR D 279 33.48 -8.56 -2.40
CA THR D 279 33.03 -7.51 -3.31
C THR D 279 32.24 -8.11 -4.48
N GLU D 280 32.78 -9.19 -5.05
CA GLU D 280 32.18 -9.90 -6.21
C GLU D 280 30.84 -10.58 -5.88
N LEU D 281 30.80 -11.28 -4.74
CA LEU D 281 29.55 -11.87 -4.25
C LEU D 281 28.45 -10.88 -3.92
N LEU D 282 28.78 -9.87 -3.10
CA LEU D 282 27.80 -8.86 -2.62
C LEU D 282 26.97 -8.31 -3.78
N LEU D 283 27.64 -7.98 -4.89
CA LEU D 283 26.98 -7.58 -6.12
C LEU D 283 26.15 -8.71 -6.76
N LYS D 284 26.74 -9.90 -6.94
CA LYS D 284 26.01 -11.02 -7.60
C LYS D 284 24.79 -11.52 -6.79
N GLU D 285 24.77 -11.25 -5.48
CA GLU D 285 23.61 -11.57 -4.62
C GLU D 285 22.69 -10.37 -4.36
N GLY D 286 22.90 -9.28 -5.09
CA GLY D 286 22.07 -8.07 -4.95
C GLY D 286 22.09 -7.41 -3.59
N PHE D 287 23.28 -7.25 -3.02
CA PHE D 287 23.49 -6.50 -1.77
C PHE D 287 24.37 -5.26 -1.93
N ALA D 288 24.67 -4.88 -3.18
CA ALA D 288 25.57 -3.76 -3.45
C ALA D 288 25.44 -3.23 -4.89
N ARG D 289 25.83 -1.96 -5.07
CA ARG D 289 25.77 -1.29 -6.36
C ARG D 289 27.19 -0.84 -6.72
N CYS D 290 27.52 -0.86 -8.02
CA CYS D 290 28.79 -0.31 -8.48
C CYS D 290 28.82 1.21 -8.28
N VAL D 291 29.98 1.73 -7.94
CA VAL D 291 30.17 3.18 -7.76
C VAL D 291 31.39 3.65 -8.61
N ASP D 292 31.26 4.82 -9.21
CA ASP D 292 32.11 5.25 -10.35
C ASP D 292 33.48 5.79 -9.91
N TRP D 293 33.50 6.61 -8.85
CA TRP D 293 34.75 7.15 -8.29
C TRP D 293 35.78 6.06 -7.95
N SER D 294 35.35 5.03 -7.23
CA SER D 294 36.26 4.05 -6.68
C SER D 294 36.44 2.78 -7.53
N ILE D 295 35.75 2.66 -8.67
CA ILE D 295 35.93 1.45 -9.51
C ILE D 295 37.29 1.36 -10.22
N ALA D 296 37.95 2.50 -10.43
CA ALA D 296 39.25 2.55 -11.15
C ALA D 296 40.41 1.94 -10.37
N VAL D 297 40.40 2.05 -9.04
CA VAL D 297 41.46 1.46 -8.22
C VAL D 297 41.28 -0.05 -7.95
N TYR D 298 40.11 -0.60 -8.25
CA TYR D 298 39.84 -2.05 -8.10
C TYR D 298 40.84 -2.89 -8.91
N THR D 299 41.86 -3.41 -8.24
CA THR D 299 42.92 -4.18 -8.90
C THR D 299 42.41 -5.39 -9.66
N ARG D 300 41.48 -6.12 -9.05
CA ARG D 300 40.97 -7.38 -9.61
C ARG D 300 40.11 -7.28 -10.89
N GLY D 301 39.86 -6.07 -11.41
CA GLY D 301 39.28 -5.89 -12.74
C GLY D 301 37.87 -5.32 -12.72
N ALA D 302 37.75 -4.05 -13.11
CA ALA D 302 36.46 -3.32 -13.10
C ALA D 302 35.37 -3.90 -14.02
N GLU D 303 35.79 -4.64 -15.05
CA GLU D 303 34.88 -5.38 -15.95
C GLU D 303 34.01 -6.39 -15.21
N LYS D 304 34.59 -7.04 -14.21
CA LYS D 304 33.93 -8.14 -13.49
C LYS D 304 32.89 -7.69 -12.43
N LEU D 305 33.06 -6.49 -11.88
CA LEU D 305 32.09 -5.91 -10.93
C LEU D 305 30.84 -5.42 -11.67
N ARG D 306 31.07 -4.72 -12.77
CA ARG D 306 30.02 -4.34 -13.72
C ARG D 306 29.18 -5.52 -14.22
N ALA D 307 29.84 -6.67 -14.43
CA ALA D 307 29.19 -7.92 -14.88
C ALA D 307 28.35 -8.62 -13.80
N ALA D 308 28.87 -8.67 -12.57
CA ALA D 308 28.12 -9.27 -11.45
C ALA D 308 26.94 -8.39 -10.97
N GLU D 309 27.01 -7.07 -11.13
CA GLU D 309 25.85 -6.21 -10.88
C GLU D 309 24.73 -6.60 -11.82
N ARG D 310 25.06 -6.73 -13.10
CA ARG D 310 24.12 -7.12 -14.15
C ARG D 310 23.47 -8.50 -13.90
N PHE D 311 24.25 -9.43 -13.35
CA PHE D 311 23.74 -10.76 -12.98
C PHE D 311 22.55 -10.68 -12.00
N ALA D 312 22.68 -9.82 -10.98
CA ALA D 312 21.65 -9.65 -9.96
C ALA D 312 20.49 -8.78 -10.46
N LYS D 313 20.81 -7.76 -11.26
CA LYS D 313 19.82 -6.97 -11.98
C LYS D 313 18.88 -7.83 -12.81
N GLU D 314 19.47 -8.68 -13.64
CA GLU D 314 18.71 -9.46 -14.62
C GLU D 314 17.81 -10.50 -13.94
N ARG D 315 18.27 -11.04 -12.80
CA ARG D 315 17.46 -11.88 -11.93
C ARG D 315 16.53 -11.10 -10.97
N ARG D 316 16.48 -9.77 -11.06
CA ARG D 316 15.56 -8.95 -10.26
C ARG D 316 15.78 -9.20 -8.74
N LEU D 317 17.05 -9.26 -8.34
CA LEU D 317 17.44 -9.77 -7.01
C LEU D 317 17.56 -8.67 -5.95
N ARG D 318 16.76 -8.79 -4.89
CA ARG D 318 16.85 -7.97 -3.66
C ARG D 318 16.75 -6.44 -3.87
N ILE D 319 17.88 -5.72 -3.91
CA ILE D 319 17.86 -4.29 -4.23
C ILE D 319 17.28 -4.03 -5.64
N TRP D 320 17.29 -5.05 -6.49
CA TRP D 320 16.74 -4.98 -7.85
C TRP D 320 15.32 -5.57 -8.02
N ARG D 321 14.57 -5.77 -6.94
CA ARG D 321 13.16 -6.15 -7.06
C ARG D 321 12.33 -5.00 -7.60
N ASP D 322 11.12 -5.31 -8.08
CA ASP D 322 10.18 -4.28 -8.58
C ASP D 322 9.41 -3.60 -7.45
N TYR D 323 9.16 -4.34 -6.38
CA TYR D 323 8.72 -3.78 -5.10
C TYR D 323 9.91 -3.76 -4.14
N VAL D 324 10.33 -2.56 -3.76
CA VAL D 324 11.58 -2.37 -3.00
C VAL D 324 11.58 -1.10 -2.12
#